data_5DUA
#
_entry.id   5DUA
#
_cell.length_a   62.789
_cell.length_b   83.479
_cell.length_c   177.589
_cell.angle_alpha   90.00
_cell.angle_beta   90.00
_cell.angle_gamma   90.00
#
_symmetry.space_group_name_H-M   'P 21 21 21'
#
loop_
_entity.id
_entity.type
_entity.pdbx_description
1 polymer 'CDA peptide synthetase I'
2 non-polymer N-pentyl-L-alaninamide
3 non-polymer 'CHLORIDE ION'
4 water water
#
_entity_poly.entity_id   1
_entity_poly.type   'polypeptide(L)'
_entity_poly.pdbx_seq_one_letter_code
;GMSENSSVRHGLTSAQHCVWLAQQLDPRGAHYRTGSCLEIDGPLDHAVLSRALRLTVAGTETLCSRFLTDEEGRPYRAYC
PPAPEGSAAVEDPDGVPYTPVLLRHIDLSGHEDPEGEAQRWMDRDRATPLPLDRPGLSSHALFTLGGGRHLYYLGVHHIV
IDGTSMALFYERLAEVYRALRDGRAVPAAAFGDTDRMVAGEEAYRASARYERDRAYWTGLFTDRPEPVSLTGRGGGRALA
PTVRSLGLPPERTEVLGRAAEATGAHWARVVIAGVAAFLHRTTGARDVVVSVPVTGRYGANARITPGMVSNRLPLRLAVR
PGESFARVVETVSEAMSGLLAHSRFRGEDLDRELGGAGVSGPTVNVMPYIRPVDFGGPVGLMRSISSGPTTDLNIVLTGT
PESGLRVDFEGNPQVYGGQDLTVLQERFVRFLAELAADPAATVDEVALLT
;
_entity_poly.pdbx_strand_id   A,B
#
# COMPACT_ATOMS: atom_id res chain seq x y z
N ASN A 5 -16.26 -15.36 -42.32
CA ASN A 5 -15.95 -15.09 -40.91
C ASN A 5 -15.43 -13.67 -40.71
N SER A 6 -14.83 -13.10 -41.76
CA SER A 6 -14.36 -11.71 -41.71
C SER A 6 -15.52 -10.73 -41.58
N SER A 7 -16.70 -11.18 -42.01
CA SER A 7 -17.87 -10.33 -42.05
C SER A 7 -18.66 -10.32 -40.74
N VAL A 8 -18.18 -11.05 -39.72
CA VAL A 8 -18.81 -11.04 -38.39
C VAL A 8 -18.80 -9.65 -37.78
N ARG A 9 -19.98 -9.13 -37.48
CA ARG A 9 -20.12 -7.78 -36.95
C ARG A 9 -20.20 -7.81 -35.43
N HIS A 10 -19.16 -7.30 -34.79
CA HIS A 10 -19.05 -7.42 -33.35
C HIS A 10 -19.66 -6.20 -32.68
N GLY A 11 -20.36 -6.45 -31.60
CA GLY A 11 -21.02 -5.37 -30.88
C GLY A 11 -19.98 -4.62 -30.07
N LEU A 12 -20.16 -3.31 -29.99
CA LEU A 12 -19.33 -2.48 -29.12
C LEU A 12 -19.75 -2.55 -27.63
N THR A 13 -18.79 -2.36 -26.73
CA THR A 13 -19.11 -2.15 -25.32
C THR A 13 -19.75 -0.78 -25.18
N SER A 14 -20.30 -0.50 -23.99
CA SER A 14 -20.86 0.82 -23.74
C SER A 14 -19.76 1.87 -23.87
N ALA A 15 -18.60 1.60 -23.29
CA ALA A 15 -17.49 2.54 -23.31
C ALA A 15 -17.10 2.86 -24.76
N GLN A 16 -17.04 1.82 -25.57
CA GLN A 16 -16.70 1.97 -26.98
C GLN A 16 -17.75 2.77 -27.75
N HIS A 17 -19.03 2.53 -27.49
N HIS A 17 -19.03 2.50 -27.49
CA HIS A 17 -20.08 3.32 -28.13
CA HIS A 17 -20.11 3.29 -28.11
C HIS A 17 -19.92 4.79 -27.77
C HIS A 17 -19.93 4.78 -27.77
N CYS A 18 -19.62 5.04 -26.51
CA CYS A 18 -19.41 6.40 -26.03
C CYS A 18 -18.24 7.08 -26.74
N VAL A 19 -17.12 6.36 -26.90
CA VAL A 19 -15.98 6.91 -27.60
C VAL A 19 -16.31 7.14 -29.08
N TRP A 20 -17.06 6.20 -29.66
CA TRP A 20 -17.38 6.28 -31.08
C TRP A 20 -18.24 7.52 -31.36
N LEU A 21 -19.27 7.73 -30.55
CA LEU A 21 -20.13 8.91 -30.65
C LEU A 21 -19.32 10.19 -30.46
N ALA A 22 -18.43 10.21 -29.49
CA ALA A 22 -17.61 11.39 -29.24
C ALA A 22 -16.69 11.63 -30.43
N GLN A 23 -16.16 10.55 -31.00
CA GLN A 23 -15.22 10.67 -32.12
C GLN A 23 -15.94 11.25 -33.33
N GLN A 24 -17.20 10.84 -33.55
CA GLN A 24 -17.98 11.35 -34.69
C GLN A 24 -18.14 12.86 -34.65
N LEU A 25 -18.14 13.44 -33.45
CA LEU A 25 -18.30 14.88 -33.32
C LEU A 25 -17.06 15.63 -33.86
N ASP A 26 -15.92 14.93 -33.92
CA ASP A 26 -14.68 15.52 -34.42
C ASP A 26 -13.90 14.49 -35.24
N PRO A 27 -14.49 14.06 -36.38
CA PRO A 27 -14.12 12.81 -37.08
C PRO A 27 -12.63 12.63 -37.40
N ARG A 28 -11.90 13.71 -37.58
CA ARG A 28 -10.49 13.61 -37.95
C ARG A 28 -9.58 14.13 -36.84
N GLY A 29 -10.16 14.35 -35.66
CA GLY A 29 -9.39 14.78 -34.51
C GLY A 29 -8.65 13.64 -33.83
N ALA A 30 -7.80 13.98 -32.88
CA ALA A 30 -6.99 13.00 -32.17
C ALA A 30 -7.22 13.08 -30.68
N HIS A 31 -8.37 13.63 -30.27
CA HIS A 31 -8.58 13.88 -28.86
C HIS A 31 -8.71 12.59 -28.06
N TYR A 32 -9.04 11.49 -28.73
CA TYR A 32 -9.11 10.22 -28.02
C TYR A 32 -7.89 9.35 -28.22
N ARG A 33 -6.78 9.95 -28.66
CA ARG A 33 -5.48 9.26 -28.66
C ARG A 33 -4.94 9.29 -27.26
N THR A 34 -4.61 8.13 -26.72
CA THR A 34 -4.00 8.03 -25.40
C THR A 34 -2.68 7.30 -25.49
N GLY A 35 -1.89 7.34 -24.41
CA GLY A 35 -0.57 6.74 -24.45
C GLY A 35 -0.02 6.40 -23.08
N SER A 36 0.89 5.44 -23.07
CA SER A 36 1.69 5.11 -21.89
C SER A 36 3.06 4.68 -22.38
N CYS A 37 3.98 4.48 -21.46
CA CYS A 37 5.24 3.87 -21.83
C CYS A 37 5.82 3.02 -20.71
N LEU A 38 6.76 2.16 -21.07
CA LEU A 38 7.58 1.46 -20.09
C LEU A 38 8.95 2.08 -20.14
N GLU A 39 9.47 2.43 -18.97
CA GLU A 39 10.87 2.78 -18.84
C GLU A 39 11.63 1.50 -18.48
N ILE A 40 12.53 1.10 -19.36
CA ILE A 40 13.19 -0.19 -19.27
C ILE A 40 14.67 0.00 -18.99
N ASP A 41 15.16 -0.64 -17.94
CA ASP A 41 16.49 -0.31 -17.41
C ASP A 41 17.67 -1.06 -18.04
N GLY A 42 17.42 -1.89 -19.05
CA GLY A 42 18.48 -2.68 -19.67
C GLY A 42 18.21 -3.00 -21.14
N PRO A 43 19.25 -3.49 -21.85
CA PRO A 43 19.13 -3.60 -23.31
C PRO A 43 18.21 -4.72 -23.78
N LEU A 44 17.47 -4.41 -24.85
CA LEU A 44 16.50 -5.29 -25.45
C LEU A 44 16.89 -5.49 -26.90
N ASP A 45 16.54 -6.63 -27.46
CA ASP A 45 16.77 -6.92 -28.87
C ASP A 45 15.51 -6.57 -29.66
N HIS A 46 15.62 -5.51 -30.44
CA HIS A 46 14.47 -4.95 -31.15
C HIS A 46 13.86 -5.93 -32.13
N ALA A 47 14.70 -6.75 -32.78
CA ALA A 47 14.20 -7.67 -33.76
C ALA A 47 13.34 -8.74 -33.09
N VAL A 48 13.80 -9.24 -31.94
CA VAL A 48 13.03 -10.24 -31.23
C VAL A 48 11.79 -9.59 -30.62
N LEU A 49 11.95 -8.37 -30.10
CA LEU A 49 10.80 -7.66 -29.52
C LEU A 49 9.79 -7.33 -30.61
N SER A 50 10.26 -7.03 -31.82
CA SER A 50 9.34 -6.84 -32.94
C SER A 50 8.55 -8.11 -33.25
N ARG A 51 9.22 -9.25 -33.19
CA ARG A 51 8.54 -10.52 -33.41
C ARG A 51 7.55 -10.76 -32.26
N ALA A 52 7.99 -10.49 -31.05
CA ALA A 52 7.11 -10.60 -29.89
C ALA A 52 5.89 -9.72 -30.05
N LEU A 53 6.05 -8.52 -30.61
CA LEU A 53 4.90 -7.65 -30.84
C LEU A 53 3.92 -8.25 -31.86
N ARG A 54 4.42 -8.82 -32.95
CA ARG A 54 3.56 -9.42 -33.96
C ARG A 54 2.70 -10.52 -33.35
N LEU A 55 3.31 -11.37 -32.53
CA LEU A 55 2.57 -12.48 -31.95
C LEU A 55 1.59 -11.98 -30.89
N THR A 56 1.98 -10.96 -30.14
CA THR A 56 1.14 -10.43 -29.08
C THR A 56 -0.14 -9.83 -29.66
N VAL A 57 0.05 -8.97 -30.64
CA VAL A 57 -1.06 -8.31 -31.33
C VAL A 57 -2.01 -9.30 -31.99
N ALA A 58 -1.48 -10.29 -32.70
CA ALA A 58 -2.33 -11.29 -33.35
C ALA A 58 -3.26 -11.99 -32.36
N GLY A 59 -2.79 -12.21 -31.15
CA GLY A 59 -3.61 -12.81 -30.10
C GLY A 59 -4.43 -11.81 -29.28
N THR A 60 -4.41 -10.55 -29.69
CA THR A 60 -5.12 -9.48 -28.98
C THR A 60 -6.18 -8.88 -29.88
N GLU A 61 -7.40 -9.40 -29.80
CA GLU A 61 -8.42 -9.07 -30.78
C GLU A 61 -8.67 -7.57 -30.89
N THR A 62 -8.65 -6.85 -29.77
CA THR A 62 -8.97 -5.44 -29.82
C THR A 62 -7.91 -4.67 -30.62
N LEU A 63 -6.67 -5.13 -30.56
CA LEU A 63 -5.59 -4.49 -31.33
C LEU A 63 -5.62 -4.90 -32.80
N CYS A 64 -6.57 -5.77 -33.15
CA CYS A 64 -6.73 -6.22 -34.54
C CYS A 64 -8.06 -5.76 -35.13
N SER A 65 -8.65 -4.72 -34.55
CA SER A 65 -10.02 -4.38 -34.88
C SER A 65 -10.12 -3.04 -35.57
N ARG A 66 -11.19 -2.90 -36.31
CA ARG A 66 -11.55 -1.63 -36.90
C ARG A 66 -13.02 -1.44 -36.64
N PHE A 67 -13.51 -0.25 -36.92
CA PHE A 67 -14.89 0.07 -36.63
C PHE A 67 -15.53 0.66 -37.87
N LEU A 68 -16.68 0.11 -38.20
CA LEU A 68 -17.44 0.50 -39.37
C LEU A 68 -18.87 0.80 -38.94
N THR A 69 -19.69 1.26 -39.87
CA THR A 69 -21.11 1.50 -39.59
C THR A 69 -21.95 0.60 -40.48
N ASP A 70 -23.03 0.06 -39.93
CA ASP A 70 -23.91 -0.79 -40.73
C ASP A 70 -24.86 0.08 -41.54
N GLU A 71 -25.87 -0.56 -42.14
CA GLU A 71 -26.77 0.11 -43.09
C GLU A 71 -27.69 1.12 -42.40
N GLU A 72 -27.89 0.94 -41.10
CA GLU A 72 -28.70 1.86 -40.31
C GLU A 72 -27.83 2.87 -39.56
N GLY A 73 -26.56 2.97 -39.96
CA GLY A 73 -25.67 3.99 -39.42
C GLY A 73 -25.13 3.69 -38.03
N ARG A 74 -25.38 2.47 -37.54
CA ARG A 74 -24.90 2.05 -36.23
C ARG A 74 -23.50 1.44 -36.33
N PRO A 75 -22.62 1.72 -35.34
CA PRO A 75 -21.28 1.14 -35.45
C PRO A 75 -21.22 -0.33 -35.09
N TYR A 76 -20.25 -1.04 -35.65
CA TYR A 76 -19.90 -2.37 -35.19
C TYR A 76 -18.39 -2.53 -35.27
N ARG A 77 -17.85 -3.58 -34.68
CA ARG A 77 -16.41 -3.81 -34.69
C ARG A 77 -16.08 -5.00 -35.61
N ALA A 78 -15.10 -4.79 -36.48
CA ALA A 78 -14.63 -5.84 -37.41
C ALA A 78 -13.23 -6.32 -37.03
N TYR A 79 -13.08 -7.63 -36.93
CA TYR A 79 -11.82 -8.26 -36.64
C TYR A 79 -10.99 -8.45 -37.92
N CYS A 80 -9.75 -7.99 -37.90
CA CYS A 80 -8.83 -8.07 -39.03
C CYS A 80 -7.48 -8.64 -38.62
N PRO A 81 -7.26 -9.95 -38.81
CA PRO A 81 -5.95 -10.48 -38.41
C PRO A 81 -4.77 -9.76 -39.08
N PRO A 82 -3.59 -9.82 -38.46
CA PRO A 82 -2.39 -9.34 -39.14
C PRO A 82 -2.03 -10.23 -40.31
N ALA A 83 -1.13 -9.75 -41.15
CA ALA A 83 -0.63 -10.54 -42.28
C ALA A 83 0.12 -11.77 -41.76
N PRO A 84 0.19 -12.84 -42.58
CA PRO A 84 0.99 -14.00 -42.16
C PRO A 84 2.45 -13.62 -41.90
N GLU A 85 3.12 -14.35 -41.02
CA GLU A 85 4.53 -14.15 -40.75
C GLU A 85 5.32 -14.06 -42.05
N GLY A 86 6.13 -13.01 -42.16
CA GLY A 86 7.00 -12.81 -43.30
C GLY A 86 6.34 -12.15 -44.51
N SER A 87 5.02 -11.96 -44.45
CA SER A 87 4.30 -11.37 -45.58
C SER A 87 4.42 -9.87 -45.61
N ALA A 88 4.64 -9.34 -46.82
CA ALA A 88 4.64 -7.90 -47.08
C ALA A 88 3.30 -7.41 -47.60
N ALA A 89 2.31 -8.30 -47.69
CA ALA A 89 1.02 -7.89 -48.23
C ALA A 89 0.26 -7.09 -47.18
N VAL A 90 -0.62 -6.19 -47.62
CA VAL A 90 -1.37 -5.34 -46.68
C VAL A 90 -2.89 -5.58 -46.73
N GLU A 91 -3.33 -6.49 -47.60
CA GLU A 91 -4.71 -6.96 -47.59
C GLU A 91 -4.72 -8.44 -47.93
N ASP A 92 -5.71 -9.17 -47.44
CA ASP A 92 -5.70 -10.61 -47.58
C ASP A 92 -6.27 -10.91 -48.97
N PRO A 93 -6.27 -12.18 -49.37
CA PRO A 93 -6.64 -12.54 -50.73
C PRO A 93 -8.06 -12.19 -51.11
N ASP A 94 -8.89 -11.87 -50.12
CA ASP A 94 -10.28 -11.49 -50.37
C ASP A 94 -10.51 -9.99 -50.19
N GLY A 95 -9.43 -9.23 -50.00
CA GLY A 95 -9.50 -7.79 -49.88
C GLY A 95 -9.70 -7.25 -48.46
N VAL A 96 -9.64 -8.11 -47.47
CA VAL A 96 -9.79 -7.68 -46.07
C VAL A 96 -8.45 -7.08 -45.66
N PRO A 97 -8.46 -5.83 -45.14
CA PRO A 97 -7.17 -5.25 -44.74
C PRO A 97 -6.52 -6.03 -43.62
N TYR A 98 -5.20 -6.10 -43.65
CA TYR A 98 -4.43 -6.74 -42.61
C TYR A 98 -4.13 -5.69 -41.55
N THR A 99 -4.28 -6.04 -40.28
CA THR A 99 -3.74 -5.20 -39.21
C THR A 99 -2.23 -5.08 -39.29
N PRO A 100 -1.71 -3.86 -39.41
CA PRO A 100 -0.25 -3.75 -39.48
C PRO A 100 0.37 -3.84 -38.10
N VAL A 101 1.60 -4.34 -38.04
CA VAL A 101 2.33 -4.40 -36.78
C VAL A 101 3.73 -3.92 -37.05
N LEU A 102 4.03 -2.72 -36.56
CA LEU A 102 5.32 -2.09 -36.72
C LEU A 102 5.82 -1.66 -35.37
N LEU A 103 7.02 -2.13 -35.02
CA LEU A 103 7.71 -1.60 -33.86
C LEU A 103 8.84 -0.70 -34.33
N ARG A 104 8.64 0.61 -34.20
CA ARG A 104 9.64 1.57 -34.60
C ARG A 104 10.82 1.45 -33.67
N HIS A 105 12.01 1.62 -34.22
CA HIS A 105 13.22 1.71 -33.43
C HIS A 105 13.79 3.11 -33.60
N ILE A 106 13.82 3.84 -32.50
CA ILE A 106 14.33 5.21 -32.55
C ILE A 106 15.51 5.31 -31.59
N ASP A 107 16.71 5.40 -32.16
CA ASP A 107 17.94 5.48 -31.38
C ASP A 107 18.24 6.93 -31.02
N LEU A 108 18.17 7.25 -29.73
CA LEU A 108 18.38 8.62 -29.26
C LEU A 108 19.61 8.70 -28.36
N SER A 109 20.42 7.66 -28.36
CA SER A 109 21.62 7.65 -27.55
C SER A 109 22.64 8.54 -28.24
N GLY A 110 23.22 9.48 -27.49
CA GLY A 110 24.15 10.44 -28.06
C GLY A 110 23.47 11.77 -28.33
N HIS A 111 22.16 11.72 -28.51
CA HIS A 111 21.37 12.94 -28.56
C HIS A 111 21.57 13.69 -27.24
N GLU A 112 21.51 15.01 -27.29
CA GLU A 112 21.82 15.82 -26.11
C GLU A 112 20.80 15.64 -24.97
N ASP A 113 19.52 15.54 -25.32
CA ASP A 113 18.45 15.29 -24.33
C ASP A 113 17.55 14.15 -24.81
N PRO A 114 18.02 12.90 -24.63
CA PRO A 114 17.30 11.75 -25.20
C PRO A 114 15.86 11.63 -24.66
N GLU A 115 15.69 11.90 -23.37
CA GLU A 115 14.38 11.78 -22.73
C GLU A 115 13.39 12.83 -23.26
N GLY A 116 13.83 14.07 -23.36
CA GLY A 116 13.00 15.13 -23.91
C GLY A 116 12.65 14.89 -25.36
N GLU A 117 13.63 14.38 -26.12
CA GLU A 117 13.40 14.10 -27.53
C GLU A 117 12.36 12.97 -27.70
N ALA A 118 12.42 11.97 -26.83
CA ALA A 118 11.42 10.91 -26.83
C ALA A 118 10.04 11.47 -26.47
N GLN A 119 9.97 12.34 -25.45
CA GLN A 119 8.69 12.94 -25.07
C GLN A 119 8.13 13.74 -26.25
N ARG A 120 8.98 14.49 -26.93
CA ARG A 120 8.51 15.26 -28.07
C ARG A 120 7.97 14.34 -29.18
N TRP A 121 8.63 13.20 -29.38
CA TRP A 121 8.19 12.22 -30.38
C TRP A 121 6.82 11.64 -29.99
N MET A 122 6.65 11.28 -28.73
CA MET A 122 5.40 10.72 -28.27
C MET A 122 4.26 11.73 -28.36
N ASP A 123 4.54 12.98 -28.03
CA ASP A 123 3.52 14.03 -28.12
C ASP A 123 3.10 14.22 -29.56
N ARG A 124 4.05 14.11 -30.49
CA ARG A 124 3.74 14.27 -31.90
C ARG A 124 2.88 13.11 -32.39
N ASP A 125 3.25 11.88 -32.01
CA ASP A 125 2.47 10.71 -32.34
C ASP A 125 1.03 10.78 -31.81
N ARG A 126 0.88 11.17 -30.54
CA ARG A 126 -0.44 11.26 -29.91
C ARG A 126 -1.36 12.30 -30.59
N ALA A 127 -0.76 13.31 -31.21
CA ALA A 127 -1.54 14.34 -31.92
C ALA A 127 -1.91 13.91 -33.34
N THR A 128 -1.48 12.71 -33.74
CA THR A 128 -1.73 12.19 -35.07
C THR A 128 -3.02 11.38 -35.13
N PRO A 129 -4.00 11.80 -35.94
CA PRO A 129 -5.27 11.06 -35.98
C PRO A 129 -5.14 9.60 -36.39
N LEU A 130 -6.04 8.77 -35.88
CA LEU A 130 -6.09 7.36 -36.21
C LEU A 130 -7.50 7.01 -36.67
N PRO A 131 -7.76 7.03 -37.98
CA PRO A 131 -9.11 6.74 -38.47
C PRO A 131 -9.58 5.35 -38.04
N LEU A 132 -10.80 5.26 -37.52
CA LEU A 132 -11.29 4.01 -36.95
C LEU A 132 -11.59 2.91 -37.96
N ASP A 133 -11.72 3.28 -39.24
CA ASP A 133 -12.01 2.29 -40.27
C ASP A 133 -10.76 1.51 -40.69
N ARG A 134 -9.61 1.85 -40.13
CA ARG A 134 -8.37 1.18 -40.47
C ARG A 134 -7.89 0.33 -39.32
N PRO A 135 -7.72 -0.99 -39.54
CA PRO A 135 -7.48 -1.89 -38.41
C PRO A 135 -6.12 -1.67 -37.76
N GLY A 136 -6.01 -1.94 -36.45
CA GLY A 136 -4.74 -1.74 -35.74
C GLY A 136 -4.62 -0.32 -35.24
N LEU A 137 -5.42 0.00 -34.25
CA LEU A 137 -5.52 1.36 -33.78
C LEU A 137 -4.52 1.60 -32.64
N SER A 138 -3.27 1.23 -32.89
CA SER A 138 -2.19 1.47 -31.95
C SER A 138 -0.89 1.84 -32.66
N SER A 139 0.05 2.39 -31.90
CA SER A 139 1.31 2.90 -32.42
C SER A 139 2.40 2.49 -31.44
N HIS A 140 3.47 1.88 -31.95
CA HIS A 140 4.50 1.31 -31.09
C HIS A 140 5.88 1.83 -31.43
N ALA A 141 6.62 2.28 -30.42
CA ALA A 141 8.00 2.66 -30.64
C ALA A 141 8.89 2.19 -29.49
N LEU A 142 10.07 1.71 -29.86
CA LEU A 142 11.12 1.40 -28.90
C LEU A 142 12.22 2.44 -29.03
N PHE A 143 12.41 3.20 -27.96
CA PHE A 143 13.48 4.19 -27.90
C PHE A 143 14.70 3.59 -27.23
N THR A 144 15.86 3.93 -27.77
CA THR A 144 17.14 3.64 -27.13
C THR A 144 17.68 4.95 -26.60
N LEU A 145 17.87 5.03 -25.28
CA LEU A 145 18.18 6.28 -24.63
C LEU A 145 19.64 6.42 -24.22
N GLY A 146 20.37 5.32 -24.30
CA GLY A 146 21.74 5.29 -23.80
C GLY A 146 21.79 4.77 -22.38
N GLY A 147 23.00 4.37 -21.96
CA GLY A 147 23.17 3.71 -20.68
C GLY A 147 22.47 2.38 -20.69
N GLY A 148 22.14 1.92 -21.89
CA GLY A 148 21.39 0.68 -22.04
C GLY A 148 19.91 0.81 -21.68
N ARG A 149 19.48 2.03 -21.34
CA ARG A 149 18.07 2.31 -21.01
C ARG A 149 17.20 2.39 -22.28
N HIS A 150 15.96 1.93 -22.19
CA HIS A 150 14.99 2.02 -23.28
C HIS A 150 13.69 2.64 -22.82
N LEU A 151 12.89 3.03 -23.79
CA LEU A 151 11.55 3.46 -23.52
C LEU A 151 10.68 2.79 -24.57
N TYR A 152 9.68 2.06 -24.13
CA TYR A 152 8.67 1.47 -25.00
C TYR A 152 7.41 2.29 -24.93
N TYR A 153 7.06 2.91 -26.05
CA TYR A 153 5.83 3.68 -26.16
C TYR A 153 4.70 2.88 -26.78
N LEU A 154 3.57 2.92 -26.09
CA LEU A 154 2.31 2.34 -26.55
C LEU A 154 1.30 3.46 -26.72
N GLY A 155 1.06 3.86 -27.96
CA GLY A 155 0.02 4.82 -28.26
C GLY A 155 -1.19 4.06 -28.78
N VAL A 156 -2.38 4.46 -28.37
CA VAL A 156 -3.59 3.78 -28.80
C VAL A 156 -4.72 4.74 -29.07
N HIS A 157 -5.74 4.26 -29.76
CA HIS A 157 -7.01 4.93 -29.73
C HIS A 157 -7.75 4.44 -28.49
N HIS A 158 -8.28 5.37 -27.72
CA HIS A 158 -9.04 5.03 -26.51
C HIS A 158 -10.12 3.97 -26.80
N ILE A 159 -10.65 3.95 -28.03
CA ILE A 159 -11.74 3.03 -28.34
C ILE A 159 -11.31 1.55 -28.26
N VAL A 160 -10.01 1.23 -28.35
CA VAL A 160 -9.59 -0.18 -28.29
C VAL A 160 -8.85 -0.59 -27.02
N ILE A 161 -8.26 0.36 -26.28
CA ILE A 161 -7.44 0.05 -25.11
C ILE A 161 -7.73 1.02 -23.99
N ASP A 162 -8.11 0.48 -22.83
CA ASP A 162 -8.26 1.27 -21.60
C ASP A 162 -7.04 1.07 -20.69
N GLY A 163 -7.04 1.66 -19.50
CA GLY A 163 -5.89 1.60 -18.62
C GLY A 163 -5.51 0.20 -18.18
N THR A 164 -6.52 -0.57 -17.78
CA THR A 164 -6.33 -1.98 -17.44
C THR A 164 -5.72 -2.80 -18.58
N SER A 165 -6.12 -2.51 -19.81
CA SER A 165 -5.68 -3.33 -20.93
C SER A 165 -4.25 -3.00 -21.33
N MET A 166 -3.77 -1.82 -20.96
CA MET A 166 -2.37 -1.47 -21.18
C MET A 166 -1.45 -2.41 -20.44
N ALA A 167 -1.76 -2.63 -19.15
CA ALA A 167 -1.03 -3.56 -18.32
C ALA A 167 -1.07 -4.98 -18.90
N LEU A 168 -2.26 -5.42 -19.31
CA LEU A 168 -2.42 -6.74 -19.92
C LEU A 168 -1.54 -6.90 -21.13
N PHE A 169 -1.53 -5.86 -21.98
CA PHE A 169 -0.69 -5.84 -23.16
C PHE A 169 0.79 -5.97 -22.80
N TYR A 170 1.28 -5.17 -21.85
CA TYR A 170 2.71 -5.18 -21.56
C TYR A 170 3.18 -6.51 -20.97
N GLU A 171 2.36 -7.09 -20.10
CA GLU A 171 2.71 -8.38 -19.51
C GLU A 171 2.81 -9.46 -20.57
N ARG A 172 1.86 -9.49 -21.49
CA ARG A 172 1.88 -10.49 -22.56
C ARG A 172 3.08 -10.27 -23.50
N LEU A 173 3.39 -9.02 -23.79
CA LEU A 173 4.51 -8.70 -24.68
C LEU A 173 5.83 -9.19 -24.11
N ALA A 174 6.02 -8.94 -22.82
CA ALA A 174 7.21 -9.40 -22.10
C ALA A 174 7.24 -10.94 -21.99
N GLU A 175 6.07 -11.55 -21.80
CA GLU A 175 5.97 -13.00 -21.69
C GLU A 175 6.44 -13.66 -22.99
N VAL A 176 5.92 -13.14 -24.10
CA VAL A 176 6.28 -13.64 -25.42
C VAL A 176 7.78 -13.42 -25.68
N TYR A 177 8.25 -12.23 -25.34
CA TYR A 177 9.64 -11.88 -25.55
C TYR A 177 10.55 -12.86 -24.83
N ARG A 178 10.28 -13.10 -23.54
CA ARG A 178 11.06 -14.04 -22.74
C ARG A 178 11.08 -15.43 -23.39
N ALA A 179 9.91 -15.90 -23.83
CA ALA A 179 9.80 -17.20 -24.48
C ALA A 179 10.63 -17.27 -25.75
N LEU A 180 10.60 -16.21 -26.55
CA LEU A 180 11.37 -16.16 -27.80
C LEU A 180 12.86 -16.17 -27.53
N ARG A 181 13.28 -15.41 -26.52
CA ARG A 181 14.68 -15.36 -26.15
C ARG A 181 15.18 -16.72 -25.61
N ASP A 182 14.32 -17.44 -24.89
CA ASP A 182 14.70 -18.67 -24.23
C ASP A 182 14.65 -19.87 -25.17
N GLY A 183 14.01 -19.69 -26.31
CA GLY A 183 13.77 -20.78 -27.25
C GLY A 183 12.63 -21.70 -26.83
N ARG A 184 11.81 -21.24 -25.88
CA ARG A 184 10.67 -22.02 -25.41
C ARG A 184 9.45 -21.84 -26.31
N ALA A 185 8.50 -22.76 -26.19
CA ALA A 185 7.20 -22.56 -26.81
C ALA A 185 6.55 -21.33 -26.16
N VAL A 186 6.06 -20.43 -27.00
CA VAL A 186 5.36 -19.26 -26.51
C VAL A 186 4.13 -19.71 -25.74
N PRO A 187 4.03 -19.35 -24.45
CA PRO A 187 2.83 -19.71 -23.71
C PRO A 187 1.57 -19.26 -24.44
N ALA A 188 0.48 -19.99 -24.29
CA ALA A 188 -0.74 -19.62 -24.97
C ALA A 188 -1.29 -18.33 -24.39
N ALA A 189 -1.83 -17.48 -25.25
CA ALA A 189 -2.54 -16.29 -24.81
C ALA A 189 -3.67 -16.74 -23.88
N ALA A 190 -3.91 -15.96 -22.84
CA ALA A 190 -4.96 -16.29 -21.90
C ALA A 190 -5.99 -15.18 -21.86
N PHE A 191 -6.22 -14.54 -23.00
CA PHE A 191 -7.15 -13.43 -23.07
C PHE A 191 -8.58 -13.96 -23.25
N GLY A 192 -9.54 -13.15 -22.81
CA GLY A 192 -10.93 -13.54 -22.83
C GLY A 192 -11.62 -13.09 -24.09
N ASP A 193 -12.95 -13.16 -24.06
CA ASP A 193 -13.75 -12.93 -25.24
C ASP A 193 -14.60 -11.67 -25.15
N THR A 194 -14.42 -10.77 -26.12
CA THR A 194 -15.09 -9.49 -26.10
C THR A 194 -16.59 -9.66 -26.26
N ASP A 195 -16.99 -10.56 -27.15
CA ASP A 195 -18.41 -10.82 -27.40
C ASP A 195 -19.18 -11.17 -26.12
N ARG A 196 -18.60 -12.03 -25.30
CA ARG A 196 -19.20 -12.40 -24.01
C ARG A 196 -19.27 -11.20 -23.09
N MET A 197 -18.20 -10.42 -23.02
CA MET A 197 -18.17 -9.18 -22.24
C MET A 197 -19.32 -8.25 -22.66
N VAL A 198 -19.55 -8.13 -23.97
CA VAL A 198 -20.62 -7.25 -24.42
C VAL A 198 -22.00 -7.85 -24.06
N ALA A 199 -22.10 -9.18 -24.13
CA ALA A 199 -23.35 -9.86 -23.76
C ALA A 199 -23.63 -9.62 -22.28
N GLY A 200 -22.58 -9.68 -21.47
CA GLY A 200 -22.68 -9.35 -20.06
C GLY A 200 -23.32 -7.99 -19.85
N GLU A 201 -22.88 -7.01 -20.62
CA GLU A 201 -23.40 -5.65 -20.50
C GLU A 201 -24.87 -5.61 -20.91
N GLU A 202 -25.21 -6.28 -22.02
CA GLU A 202 -26.60 -6.36 -22.46
C GLU A 202 -27.50 -7.01 -21.41
N ALA A 203 -26.99 -8.05 -20.74
CA ALA A 203 -27.73 -8.69 -19.66
C ALA A 203 -28.01 -7.72 -18.53
N TYR A 204 -27.00 -6.92 -18.17
CA TYR A 204 -27.18 -5.94 -17.11
C TYR A 204 -28.26 -4.92 -17.46
N ARG A 205 -28.21 -4.40 -18.68
CA ARG A 205 -29.20 -3.40 -19.12
C ARG A 205 -30.62 -3.98 -19.11
N ALA A 206 -30.72 -5.29 -19.31
CA ALA A 206 -32.01 -5.96 -19.37
C ALA A 206 -32.48 -6.36 -17.98
N SER A 207 -31.60 -6.26 -16.99
CA SER A 207 -31.92 -6.72 -15.63
C SER A 207 -32.60 -5.66 -14.80
N ALA A 208 -33.19 -6.09 -13.69
CA ALA A 208 -33.81 -5.20 -12.73
C ALA A 208 -32.78 -4.29 -12.06
N ARG A 209 -31.53 -4.73 -12.03
CA ARG A 209 -30.46 -3.97 -11.40
C ARG A 209 -30.24 -2.63 -12.10
N TYR A 210 -30.51 -2.57 -13.41
CA TYR A 210 -30.27 -1.35 -14.18
C TYR A 210 -31.11 -0.21 -13.62
N GLU A 211 -32.41 -0.47 -13.43
CA GLU A 211 -33.33 0.55 -12.94
C GLU A 211 -32.99 1.00 -11.52
N ARG A 212 -32.57 0.05 -10.68
CA ARG A 212 -32.12 0.37 -9.34
C ARG A 212 -30.97 1.37 -9.38
N ASP A 213 -30.02 1.14 -10.28
CA ASP A 213 -28.86 2.01 -10.39
C ASP A 213 -29.24 3.36 -10.95
N ARG A 214 -30.15 3.38 -11.95
CA ARG A 214 -30.62 4.63 -12.53
C ARG A 214 -31.21 5.51 -11.45
N ALA A 215 -32.00 4.89 -10.57
CA ALA A 215 -32.64 5.63 -9.49
C ALA A 215 -31.61 6.10 -8.43
N TYR A 216 -30.64 5.26 -8.11
CA TYR A 216 -29.61 5.64 -7.13
C TYR A 216 -28.87 6.88 -7.60
N TRP A 217 -28.37 6.88 -8.83
CA TRP A 217 -27.52 7.97 -9.30
C TRP A 217 -28.31 9.25 -9.55
N THR A 218 -29.50 9.14 -10.14
CA THR A 218 -30.31 10.32 -10.39
C THR A 218 -30.76 10.94 -9.08
N GLY A 219 -31.09 10.08 -8.11
CA GLY A 219 -31.54 10.54 -6.81
C GLY A 219 -30.44 11.20 -5.98
N LEU A 220 -29.20 11.04 -6.44
CA LEU A 220 -28.05 11.57 -5.74
C LEU A 220 -27.69 12.96 -6.27
N PHE A 221 -28.13 13.25 -7.50
CA PHE A 221 -27.82 14.50 -8.17
C PHE A 221 -29.08 15.20 -8.65
N THR A 222 -30.13 15.20 -7.83
CA THR A 222 -31.40 15.82 -8.18
C THR A 222 -31.32 17.34 -8.30
N ASP A 223 -30.25 17.92 -7.74
CA ASP A 223 -30.04 19.37 -7.83
C ASP A 223 -29.18 19.77 -9.02
N ARG A 224 -28.64 18.76 -9.72
CA ARG A 224 -27.84 18.97 -10.94
C ARG A 224 -26.75 20.02 -10.76
N PRO A 225 -25.82 19.77 -9.85
CA PRO A 225 -24.73 20.72 -9.62
C PRO A 225 -23.87 20.96 -10.86
N GLU A 226 -23.61 22.23 -11.15
CA GLU A 226 -22.79 22.61 -12.28
C GLU A 226 -21.34 22.12 -12.08
N PRO A 227 -20.77 21.44 -13.09
CA PRO A 227 -19.35 21.13 -12.96
C PRO A 227 -18.53 22.41 -12.89
N VAL A 228 -17.63 22.49 -11.91
CA VAL A 228 -16.81 23.68 -11.72
C VAL A 228 -15.34 23.34 -11.84
N SER A 229 -14.55 24.31 -12.29
CA SER A 229 -13.11 24.14 -12.33
C SER A 229 -12.44 24.82 -11.15
N LEU A 230 -11.25 24.33 -10.81
CA LEU A 230 -10.37 24.98 -9.85
C LEU A 230 -10.03 26.41 -10.27
N THR A 231 -10.02 26.63 -11.58
CA THR A 231 -9.72 27.94 -12.16
C THR A 231 -10.88 28.92 -11.99
N GLY A 232 -12.10 28.40 -12.05
CA GLY A 232 -13.29 29.22 -12.03
C GLY A 232 -14.16 28.94 -13.25
N GLY A 234 -16.28 26.92 -15.81
CA GLY A 234 -16.27 27.15 -17.25
C GLY A 234 -15.70 25.96 -18.01
N GLY A 235 -16.59 25.07 -18.46
CA GLY A 235 -16.19 23.91 -19.23
C GLY A 235 -16.90 23.80 -20.57
N GLY A 236 -16.18 23.28 -21.57
CA GLY A 236 -16.72 23.02 -22.89
C GLY A 236 -16.47 21.59 -23.32
N ARG A 237 -15.80 21.40 -24.46
CA ARG A 237 -15.58 20.07 -25.00
C ARG A 237 -14.41 19.35 -24.32
N ALA A 238 -14.45 18.03 -24.32
CA ALA A 238 -13.30 17.21 -23.88
C ALA A 238 -12.20 17.25 -24.90
N LEU A 239 -11.01 17.68 -24.49
CA LEU A 239 -9.88 17.86 -25.40
C LEU A 239 -8.63 17.12 -24.90
N ALA A 240 -7.74 16.76 -25.81
CA ALA A 240 -6.47 16.17 -25.38
C ALA A 240 -5.76 17.13 -24.43
N PRO A 241 -5.34 16.62 -23.28
CA PRO A 241 -4.76 17.47 -22.25
C PRO A 241 -3.31 17.88 -22.49
N THR A 242 -2.97 18.99 -21.88
CA THR A 242 -1.60 19.36 -21.62
C THR A 242 -1.18 18.62 -20.35
N VAL A 243 -0.08 17.89 -20.42
CA VAL A 243 0.30 17.02 -19.32
C VAL A 243 1.56 17.55 -18.65
N ARG A 244 1.46 17.77 -17.34
CA ARG A 244 2.61 18.10 -16.52
C ARG A 244 2.79 17.01 -15.46
N SER A 245 3.99 16.46 -15.44
CA SER A 245 4.29 15.24 -14.71
C SER A 245 5.32 15.55 -13.63
N LEU A 246 5.08 15.03 -12.43
CA LEU A 246 5.97 15.27 -11.30
C LEU A 246 6.31 13.95 -10.62
N GLY A 247 7.62 13.67 -10.53
CA GLY A 247 8.10 12.49 -9.85
C GLY A 247 8.35 12.78 -8.38
N LEU A 248 7.78 11.95 -7.51
CA LEU A 248 7.96 12.10 -6.06
C LEU A 248 8.62 10.84 -5.53
N PRO A 249 9.80 10.99 -4.89
CA PRO A 249 10.50 9.81 -4.38
C PRO A 249 9.83 9.28 -3.12
N PRO A 250 10.19 8.08 -2.68
CA PRO A 250 9.60 7.48 -1.48
C PRO A 250 9.71 8.35 -0.22
N GLU A 251 10.80 9.10 -0.06
CA GLU A 251 10.89 10.05 1.06
C GLU A 251 9.70 10.99 1.10
N ARG A 252 9.14 11.32 -0.05
CA ARG A 252 7.99 12.22 -0.13
C ARG A 252 6.65 11.48 -0.03
N THR A 253 6.58 10.23 -0.50
CA THR A 253 5.29 9.58 -0.66
C THR A 253 4.94 8.58 0.47
N GLU A 254 5.91 8.22 1.30
CA GLU A 254 5.67 7.20 2.32
C GLU A 254 4.59 7.63 3.29
N VAL A 255 4.48 8.95 3.54
CA VAL A 255 3.47 9.51 4.42
C VAL A 255 2.04 9.15 4.02
N LEU A 256 1.78 8.95 2.73
CA LEU A 256 0.44 8.54 2.31
C LEU A 256 0.12 7.14 2.83
N GLY A 257 1.13 6.27 2.83
CA GLY A 257 0.97 4.92 3.34
C GLY A 257 0.75 4.95 4.83
N ARG A 258 1.42 5.90 5.50
CA ARG A 258 1.22 6.04 6.96
C ARG A 258 -0.17 6.55 7.28
N ALA A 259 -0.65 7.51 6.51
CA ALA A 259 -2.01 8.00 6.68
C ALA A 259 -3.04 6.90 6.37
N ALA A 260 -2.67 6.01 5.44
CA ALA A 260 -3.55 4.90 5.07
C ALA A 260 -3.63 3.90 6.23
N GLU A 261 -2.47 3.51 6.75
CA GLU A 261 -2.40 2.62 7.91
C GLU A 261 -3.25 3.17 9.06
N ALA A 262 -3.07 4.46 9.36
CA ALA A 262 -3.68 5.10 10.51
C ALA A 262 -5.20 5.24 10.39
N THR A 263 -5.68 5.58 9.19
CA THR A 263 -7.13 5.72 8.98
C THR A 263 -7.80 4.38 8.70
N GLY A 264 -7.00 3.37 8.41
CA GLY A 264 -7.54 2.08 8.00
C GLY A 264 -8.11 2.10 6.59
N ALA A 265 -7.87 3.17 5.85
CA ALA A 265 -8.30 3.27 4.46
C ALA A 265 -7.18 2.95 3.47
N HIS A 266 -7.55 2.43 2.31
CA HIS A 266 -6.57 2.20 1.24
C HIS A 266 -6.03 3.56 0.80
N TRP A 267 -4.76 3.60 0.40
CA TRP A 267 -4.10 4.88 0.16
C TRP A 267 -4.74 5.67 -0.97
N ALA A 268 -5.44 5.00 -1.89
CA ALA A 268 -6.13 5.71 -2.96
C ALA A 268 -7.25 6.57 -2.40
N ARG A 269 -7.94 6.06 -1.37
CA ARG A 269 -9.01 6.81 -0.72
C ARG A 269 -8.45 8.05 -0.03
N VAL A 270 -7.24 7.92 0.51
CA VAL A 270 -6.52 9.03 1.13
C VAL A 270 -6.22 10.08 0.06
N VAL A 271 -5.83 9.64 -1.13
CA VAL A 271 -5.58 10.61 -2.19
C VAL A 271 -6.87 11.30 -2.60
N ILE A 272 -7.97 10.56 -2.66
CA ILE A 272 -9.23 11.14 -3.11
C ILE A 272 -9.69 12.15 -2.07
N ALA A 273 -9.51 11.80 -0.80
CA ALA A 273 -9.83 12.70 0.31
C ALA A 273 -8.99 13.97 0.22
N GLY A 274 -7.71 13.80 -0.13
CA GLY A 274 -6.83 14.93 -0.29
C GLY A 274 -7.31 15.86 -1.38
N VAL A 275 -7.78 15.28 -2.48
CA VAL A 275 -8.30 16.09 -3.57
C VAL A 275 -9.56 16.83 -3.14
N ALA A 276 -10.47 16.15 -2.43
CA ALA A 276 -11.70 16.79 -1.95
C ALA A 276 -11.37 17.96 -1.03
N ALA A 277 -10.42 17.72 -0.12
CA ALA A 277 -9.98 18.73 0.83
C ALA A 277 -9.34 19.93 0.13
N PHE A 278 -8.54 19.65 -0.90
CA PHE A 278 -7.87 20.68 -1.69
C PHE A 278 -8.88 21.58 -2.39
N LEU A 279 -9.91 20.96 -2.94
CA LEU A 279 -10.99 21.68 -3.60
C LEU A 279 -11.77 22.54 -2.63
N HIS A 280 -12.07 21.96 -1.47
CA HIS A 280 -12.77 22.67 -0.41
C HIS A 280 -12.01 23.94 0.02
N ARG A 281 -10.71 23.79 0.26
CA ARG A 281 -9.91 24.91 0.74
C ARG A 281 -9.69 25.94 -0.36
N THR A 282 -9.71 25.49 -1.61
CA THR A 282 -9.47 26.36 -2.75
C THR A 282 -10.69 27.19 -3.11
N THR A 283 -11.85 26.54 -3.10
CA THR A 283 -13.10 27.15 -3.58
C THR A 283 -14.02 27.56 -2.45
N GLY A 284 -13.83 26.95 -1.28
CA GLY A 284 -14.68 27.21 -0.14
C GLY A 284 -15.88 26.29 -0.12
N ALA A 285 -16.19 25.69 -1.27
CA ALA A 285 -17.36 24.83 -1.41
C ALA A 285 -17.39 23.69 -0.40
N ARG A 286 -18.58 23.44 0.15
CA ARG A 286 -18.83 22.34 1.08
C ARG A 286 -19.13 21.06 0.29
N ASP A 287 -19.88 21.21 -0.79
CA ASP A 287 -20.23 20.07 -1.62
C ASP A 287 -19.29 20.07 -2.79
N VAL A 288 -18.35 19.12 -2.77
CA VAL A 288 -17.40 18.97 -3.85
C VAL A 288 -17.70 17.69 -4.62
N VAL A 289 -17.40 17.70 -5.92
CA VAL A 289 -17.50 16.52 -6.76
C VAL A 289 -16.12 16.17 -7.30
N VAL A 290 -15.74 14.90 -7.17
CA VAL A 290 -14.62 14.37 -7.93
C VAL A 290 -15.15 13.20 -8.73
N SER A 291 -14.60 12.98 -9.90
CA SER A 291 -14.97 11.83 -10.72
C SER A 291 -13.92 10.74 -10.54
N VAL A 292 -14.38 9.51 -10.48
CA VAL A 292 -13.53 8.34 -10.22
C VAL A 292 -13.68 7.31 -11.33
N PRO A 293 -12.56 6.86 -11.92
CA PRO A 293 -12.69 5.75 -12.87
C PRO A 293 -13.00 4.41 -12.20
N VAL A 294 -13.82 3.58 -12.84
CA VAL A 294 -13.89 2.17 -12.43
C VAL A 294 -13.62 1.33 -13.68
N THR A 295 -13.10 0.12 -13.50
CA THR A 295 -12.65 -0.66 -14.66
C THR A 295 -13.80 -1.11 -15.58
N GLY A 296 -14.98 -1.27 -15.02
CA GLY A 296 -16.11 -1.75 -15.78
C GLY A 296 -16.01 -3.23 -16.12
N ARG A 297 -15.12 -3.92 -15.43
CA ARG A 297 -14.90 -5.33 -15.67
C ARG A 297 -15.54 -6.17 -14.57
N TYR A 298 -16.59 -6.89 -14.95
CA TYR A 298 -17.35 -7.73 -14.01
C TYR A 298 -17.28 -9.19 -14.44
N GLY A 299 -16.61 -10.00 -13.63
CA GLY A 299 -16.50 -11.42 -13.90
C GLY A 299 -15.11 -11.81 -14.40
N ALA A 300 -14.86 -13.11 -14.45
CA ALA A 300 -13.55 -13.62 -14.80
C ALA A 300 -13.19 -13.28 -16.26
N ASN A 301 -14.13 -13.47 -17.17
CA ASN A 301 -13.85 -13.23 -18.58
C ASN A 301 -13.48 -11.77 -18.85
N ALA A 302 -14.33 -10.88 -18.37
CA ALA A 302 -14.10 -9.44 -18.56
C ALA A 302 -12.75 -9.01 -17.98
N ARG A 303 -12.38 -9.54 -16.82
CA ARG A 303 -11.12 -9.15 -16.21
C ARG A 303 -9.86 -9.42 -17.06
N ILE A 304 -9.94 -10.30 -18.04
CA ILE A 304 -8.76 -10.71 -18.82
C ILE A 304 -8.92 -10.43 -20.32
N THR A 305 -9.80 -9.48 -20.65
CA THR A 305 -10.15 -9.19 -22.03
C THR A 305 -9.71 -7.78 -22.42
N PRO A 306 -8.59 -7.68 -23.15
CA PRO A 306 -8.19 -6.36 -23.67
C PRO A 306 -9.29 -5.67 -24.45
N GLY A 307 -9.49 -4.38 -24.16
CA GLY A 307 -10.59 -3.66 -24.72
C GLY A 307 -10.77 -2.34 -24.03
N MET A 308 -11.90 -1.72 -24.31
CA MET A 308 -12.29 -0.49 -23.66
C MET A 308 -13.64 -0.70 -23.01
N VAL A 309 -13.64 -0.83 -21.68
CA VAL A 309 -14.88 -0.91 -20.91
C VAL A 309 -14.88 0.03 -19.69
N SER A 310 -13.85 0.86 -19.58
CA SER A 310 -13.72 1.83 -18.50
C SER A 310 -14.96 2.68 -18.28
N ASN A 311 -15.25 2.97 -17.02
CA ASN A 311 -16.39 3.81 -16.66
C ASN A 311 -15.91 4.90 -15.69
N ARG A 312 -16.68 5.97 -15.61
CA ARG A 312 -16.33 7.16 -14.86
C ARG A 312 -17.59 7.64 -14.14
N LEU A 313 -17.55 7.67 -12.80
CA LEU A 313 -18.72 8.01 -11.98
C LEU A 313 -18.40 9.13 -11.00
N PRO A 314 -19.38 10.00 -10.74
CA PRO A 314 -19.17 11.15 -9.86
C PRO A 314 -19.21 10.74 -8.37
N LEU A 315 -18.22 11.21 -7.62
CA LEU A 315 -18.19 11.02 -6.18
C LEU A 315 -18.53 12.34 -5.50
N ARG A 316 -19.72 12.42 -4.94
CA ARG A 316 -20.21 13.65 -4.33
C ARG A 316 -19.87 13.65 -2.84
N LEU A 317 -19.14 14.67 -2.39
CA LEU A 317 -18.56 14.70 -1.06
C LEU A 317 -18.89 15.98 -0.31
N ALA A 318 -19.37 15.80 0.92
CA ALA A 318 -19.60 16.91 1.83
C ALA A 318 -18.39 17.06 2.74
N VAL A 319 -17.71 18.20 2.63
CA VAL A 319 -16.60 18.52 3.52
C VAL A 319 -17.06 19.65 4.45
N ARG A 320 -17.25 19.33 5.73
CA ARG A 320 -17.92 20.23 6.66
C ARG A 320 -16.95 20.93 7.61
N PRO A 321 -17.36 22.09 8.14
CA PRO A 321 -16.45 22.86 9.00
C PRO A 321 -16.00 22.10 10.25
N GLY A 322 -14.72 22.24 10.58
CA GLY A 322 -14.16 21.59 11.75
C GLY A 322 -13.86 20.11 11.58
N GLU A 323 -14.19 19.54 10.42
CA GLU A 323 -13.92 18.13 10.17
C GLU A 323 -12.44 17.88 10.06
N SER A 324 -12.00 16.72 10.56
CA SER A 324 -10.60 16.32 10.45
C SER A 324 -10.35 15.74 9.06
N PHE A 325 -9.09 15.59 8.69
CA PHE A 325 -8.80 14.95 7.44
C PHE A 325 -9.28 13.50 7.51
N ALA A 326 -9.05 12.84 8.64
CA ALA A 326 -9.46 11.45 8.80
C ALA A 326 -10.96 11.31 8.57
N ARG A 327 -11.71 12.34 8.97
CA ARG A 327 -13.15 12.35 8.77
C ARG A 327 -13.53 12.50 7.29
N VAL A 328 -12.76 13.28 6.55
CA VAL A 328 -13.01 13.39 5.11
C VAL A 328 -12.72 12.04 4.46
N VAL A 329 -11.69 11.34 4.94
CA VAL A 329 -11.38 9.99 4.42
C VAL A 329 -12.59 9.10 4.65
N GLU A 330 -13.19 9.20 5.84
CA GLU A 330 -14.40 8.44 6.15
C GLU A 330 -15.58 8.84 5.24
N THR A 331 -15.75 10.12 4.97
CA THR A 331 -16.79 10.56 4.03
C THR A 331 -16.57 9.96 2.65
N VAL A 332 -15.31 9.90 2.24
CA VAL A 332 -14.95 9.34 0.94
C VAL A 332 -15.35 7.87 0.90
N SER A 333 -15.03 7.13 1.96
CA SER A 333 -15.33 5.71 1.96
C SER A 333 -16.84 5.44 1.96
N GLU A 334 -17.61 6.26 2.65
CA GLU A 334 -19.07 6.10 2.60
C GLU A 334 -19.62 6.38 1.19
N ALA A 335 -19.15 7.44 0.56
CA ALA A 335 -19.57 7.74 -0.82
C ALA A 335 -19.16 6.63 -1.79
N MET A 336 -17.94 6.11 -1.63
CA MET A 336 -17.44 5.07 -2.55
C MET A 336 -18.22 3.77 -2.41
N SER A 337 -18.66 3.45 -1.20
CA SER A 337 -19.43 2.24 -0.97
C SER A 337 -20.63 2.21 -1.90
N GLY A 338 -21.35 3.32 -1.93
CA GLY A 338 -22.51 3.46 -2.79
C GLY A 338 -22.12 3.52 -4.26
N LEU A 339 -21.05 4.22 -4.57
CA LEU A 339 -20.63 4.30 -5.96
C LEU A 339 -20.37 2.91 -6.48
N LEU A 340 -19.63 2.13 -5.69
CA LEU A 340 -19.20 0.78 -6.09
C LEU A 340 -20.36 -0.20 -6.18
N ALA A 341 -21.32 -0.06 -5.27
CA ALA A 341 -22.52 -0.89 -5.28
C ALA A 341 -23.40 -0.61 -6.49
N HIS A 342 -23.20 0.52 -7.15
CA HIS A 342 -23.99 0.89 -8.33
C HIS A 342 -23.10 1.24 -9.54
N SER A 343 -21.93 0.62 -9.56
CA SER A 343 -20.87 0.97 -10.50
C SER A 343 -21.12 0.61 -11.97
N ARG A 344 -22.06 -0.29 -12.25
CA ARG A 344 -22.28 -0.70 -13.64
C ARG A 344 -22.99 0.37 -14.43
N PHE A 345 -23.61 1.33 -13.74
CA PHE A 345 -24.36 2.34 -14.46
C PHE A 345 -23.37 3.28 -15.12
N ARG A 346 -23.61 3.59 -16.38
CA ARG A 346 -22.66 4.35 -17.18
C ARG A 346 -22.70 5.84 -16.85
N GLY A 347 -21.53 6.42 -16.65
CA GLY A 347 -21.42 7.83 -16.38
C GLY A 347 -22.07 8.68 -17.45
N GLU A 348 -21.99 8.24 -18.70
CA GLU A 348 -22.50 9.06 -19.78
C GLU A 348 -24.03 8.92 -19.86
N ASP A 349 -24.56 7.82 -19.31
CA ASP A 349 -26.01 7.64 -19.21
C ASP A 349 -26.58 8.51 -18.09
N LEU A 350 -25.77 8.75 -17.06
CA LEU A 350 -26.20 9.60 -15.98
C LEU A 350 -26.23 11.05 -16.44
N ASP A 351 -25.20 11.46 -17.18
CA ASP A 351 -25.17 12.80 -17.74
C ASP A 351 -26.33 13.02 -18.70
N ARG A 352 -26.71 11.97 -19.42
CA ARG A 352 -27.80 12.06 -20.38
C ARG A 352 -29.10 12.37 -19.67
N GLU A 353 -29.36 11.62 -18.61
CA GLU A 353 -30.64 11.72 -17.91
C GLU A 353 -30.72 13.06 -17.17
N LEU A 354 -29.62 13.47 -16.56
CA LEU A 354 -29.57 14.76 -15.87
C LEU A 354 -29.68 15.92 -16.87
N GLY A 355 -29.10 15.75 -18.06
CA GLY A 355 -29.10 16.82 -19.04
C GLY A 355 -27.96 17.81 -18.79
N GLY A 356 -27.87 18.83 -19.62
CA GLY A 356 -26.88 19.88 -19.47
C GLY A 356 -25.45 19.39 -19.56
N ALA A 357 -24.60 19.90 -18.68
CA ALA A 357 -23.17 19.56 -18.68
C ALA A 357 -22.94 18.33 -17.81
N GLY A 358 -24.04 17.72 -17.36
CA GLY A 358 -23.97 16.53 -16.54
C GLY A 358 -23.33 16.83 -15.20
N VAL A 359 -22.62 15.86 -14.66
CA VAL A 359 -22.04 15.97 -13.32
C VAL A 359 -20.66 15.37 -13.31
N SER A 360 -19.69 16.16 -12.86
CA SER A 360 -18.31 15.73 -12.78
C SER A 360 -17.46 16.76 -12.05
N GLY A 361 -16.27 16.35 -11.67
CA GLY A 361 -15.25 17.26 -11.18
C GLY A 361 -13.95 16.78 -11.77
N PRO A 362 -12.84 17.18 -11.16
CA PRO A 362 -11.56 16.63 -11.57
C PRO A 362 -11.59 15.11 -11.47
N THR A 363 -11.09 14.42 -12.49
CA THR A 363 -10.94 12.97 -12.43
C THR A 363 -9.72 12.62 -11.60
N VAL A 364 -9.92 11.77 -10.60
CA VAL A 364 -8.82 11.30 -9.78
C VAL A 364 -8.65 9.82 -10.07
N ASN A 365 -7.54 9.52 -10.75
CA ASN A 365 -7.22 8.19 -11.20
C ASN A 365 -5.95 7.69 -10.53
N VAL A 366 -6.14 7.01 -9.40
CA VAL A 366 -5.04 6.36 -8.73
C VAL A 366 -4.88 4.99 -9.35
N MET A 367 -3.87 4.81 -10.18
CA MET A 367 -3.76 3.58 -10.94
C MET A 367 -3.42 2.42 -10.01
N PRO A 368 -4.00 1.24 -10.28
CA PRO A 368 -3.73 0.08 -9.42
C PRO A 368 -2.29 -0.34 -9.48
N TYR A 369 -1.84 -1.07 -8.48
CA TYR A 369 -0.50 -1.61 -8.49
C TYR A 369 -0.31 -2.50 -9.70
N ILE A 370 0.82 -2.32 -10.35
CA ILE A 370 1.22 -3.18 -11.44
C ILE A 370 2.65 -3.58 -11.18
N ARG A 371 2.89 -4.89 -11.20
CA ARG A 371 4.22 -5.43 -10.99
C ARG A 371 5.14 -4.99 -12.12
N PRO A 372 6.40 -4.68 -11.80
CA PRO A 372 7.39 -4.43 -12.85
C PRO A 372 7.37 -5.50 -13.94
N VAL A 373 7.49 -5.05 -15.18
CA VAL A 373 7.40 -5.92 -16.34
C VAL A 373 8.78 -6.50 -16.57
N ASP A 374 8.86 -7.84 -16.61
CA ASP A 374 10.14 -8.54 -16.69
C ASP A 374 10.38 -9.08 -18.10
N PHE A 375 11.38 -8.51 -18.78
CA PHE A 375 11.78 -8.96 -20.11
C PHE A 375 12.92 -9.99 -20.06
N GLY A 376 13.18 -10.54 -18.87
CA GLY A 376 14.19 -11.58 -18.74
C GLY A 376 15.55 -10.96 -18.42
N GLY A 377 15.53 -10.03 -17.47
CA GLY A 377 16.70 -9.27 -17.11
C GLY A 377 16.33 -7.80 -16.98
N PRO A 378 16.13 -7.13 -18.12
CA PRO A 378 15.64 -5.76 -18.03
C PRO A 378 14.24 -5.72 -17.44
N VAL A 379 13.95 -4.65 -16.72
CA VAL A 379 12.68 -4.50 -16.05
C VAL A 379 12.03 -3.22 -16.56
N GLY A 380 10.74 -3.30 -16.89
CA GLY A 380 9.96 -2.15 -17.33
C GLY A 380 9.02 -1.61 -16.26
N LEU A 381 9.11 -0.30 -16.04
CA LEU A 381 8.19 0.42 -15.14
C LEU A 381 7.22 1.26 -15.97
N MET A 382 5.92 1.11 -15.69
CA MET A 382 4.93 1.80 -16.51
C MET A 382 4.76 3.24 -16.07
N ARG A 383 4.72 4.16 -17.04
CA ARG A 383 4.25 5.50 -16.74
C ARG A 383 3.29 6.01 -17.81
N SER A 384 2.33 6.81 -17.34
CA SER A 384 1.31 7.41 -18.19
C SER A 384 1.88 8.54 -19.04
N ILE A 385 1.44 8.62 -20.29
CA ILE A 385 1.80 9.74 -21.16
C ILE A 385 0.57 10.66 -21.30
N SER A 386 -0.57 10.05 -21.57
CA SER A 386 -1.84 10.77 -21.63
C SER A 386 -2.97 9.76 -21.43
N SER A 387 -3.77 9.96 -20.39
CA SER A 387 -4.77 8.96 -20.00
C SER A 387 -6.11 9.13 -20.72
N GLY A 388 -6.35 10.30 -21.30
CA GLY A 388 -7.56 10.54 -22.08
C GLY A 388 -7.95 12.00 -22.09
N PRO A 389 -8.93 12.37 -22.94
CA PRO A 389 -9.33 13.77 -23.05
C PRO A 389 -10.07 14.23 -21.80
N THR A 390 -10.05 15.52 -21.53
CA THR A 390 -10.79 16.06 -20.39
C THR A 390 -11.45 17.42 -20.69
N THR A 391 -12.56 17.68 -20.01
CA THR A 391 -13.22 18.99 -20.03
C THR A 391 -12.57 19.96 -19.05
N ASP A 392 -11.80 19.40 -18.12
CA ASP A 392 -11.17 20.22 -17.08
C ASP A 392 -9.82 19.67 -16.66
N LEU A 393 -9.82 18.75 -15.71
CA LEU A 393 -8.58 18.24 -15.12
C LEU A 393 -8.65 16.73 -14.84
N ASN A 394 -7.64 16.00 -15.29
CA ASN A 394 -7.37 14.64 -14.82
C ASN A 394 -6.15 14.65 -13.92
N ILE A 395 -6.29 14.02 -12.76
CA ILE A 395 -5.19 13.79 -11.85
C ILE A 395 -4.90 12.30 -11.83
N VAL A 396 -3.72 11.94 -12.35
CA VAL A 396 -3.34 10.55 -12.57
C VAL A 396 -2.13 10.23 -11.73
N LEU A 397 -2.25 9.21 -10.89
CA LEU A 397 -1.12 8.75 -10.10
C LEU A 397 -0.69 7.35 -10.51
N THR A 398 0.62 7.14 -10.63
CA THR A 398 1.17 5.80 -10.81
C THR A 398 2.26 5.54 -9.76
N GLY A 399 2.33 4.29 -9.28
CA GLY A 399 3.30 3.90 -8.27
C GLY A 399 2.60 3.61 -6.96
N THR A 400 3.37 3.60 -5.88
CA THR A 400 2.84 3.36 -4.55
C THR A 400 3.52 4.25 -3.52
N PRO A 401 2.91 4.38 -2.35
CA PRO A 401 3.55 5.19 -1.32
C PRO A 401 4.99 4.70 -1.00
N GLU A 402 5.20 3.40 -1.03
CA GLU A 402 6.49 2.81 -0.66
C GLU A 402 7.54 2.95 -1.76
N SER A 403 7.11 2.93 -3.02
CA SER A 403 8.04 2.94 -4.14
C SER A 403 8.13 4.30 -4.81
N GLY A 404 7.25 5.22 -4.41
CA GLY A 404 7.24 6.55 -4.99
C GLY A 404 6.16 6.67 -6.05
N LEU A 405 5.90 7.90 -6.46
CA LEU A 405 4.78 8.18 -7.35
C LEU A 405 5.20 9.04 -8.52
N ARG A 406 4.45 8.93 -9.61
CA ARG A 406 4.38 9.95 -10.64
C ARG A 406 3.00 10.56 -10.60
N VAL A 407 2.95 11.88 -10.44
CA VAL A 407 1.68 12.59 -10.42
C VAL A 407 1.58 13.38 -11.72
N ASP A 408 0.61 13.01 -12.55
CA ASP A 408 0.32 13.73 -13.79
C ASP A 408 -0.91 14.59 -13.61
N PHE A 409 -0.75 15.89 -13.84
CA PHE A 409 -1.88 16.78 -13.95
C PHE A 409 -2.12 17.00 -15.45
N GLU A 410 -3.27 16.52 -15.91
CA GLU A 410 -3.66 16.63 -17.30
C GLU A 410 -4.80 17.63 -17.43
N GLY A 411 -4.49 18.79 -18.00
CA GLY A 411 -5.44 19.88 -18.09
C GLY A 411 -5.92 20.19 -19.51
N ASN A 412 -7.21 20.42 -19.62
CA ASN A 412 -7.81 20.93 -20.84
C ASN A 412 -7.08 22.23 -21.18
N PRO A 413 -6.55 22.33 -22.41
CA PRO A 413 -5.67 23.45 -22.79
C PRO A 413 -6.42 24.80 -22.87
N GLN A 414 -7.74 24.76 -22.90
CA GLN A 414 -8.56 25.96 -22.86
C GLN A 414 -8.78 26.44 -21.42
N VAL A 415 -8.41 25.60 -20.45
CA VAL A 415 -8.59 25.93 -19.03
C VAL A 415 -7.25 26.23 -18.37
N TYR A 416 -6.22 25.46 -18.72
CA TYR A 416 -4.91 25.58 -18.11
C TYR A 416 -3.78 25.70 -19.13
N GLY A 417 -2.85 26.62 -18.87
CA GLY A 417 -1.54 26.55 -19.49
C GLY A 417 -0.66 25.58 -18.71
N GLY A 418 0.46 25.16 -19.31
CA GLY A 418 1.38 24.22 -18.66
C GLY A 418 1.87 24.75 -17.33
N GLN A 419 2.12 26.05 -17.28
CA GLN A 419 2.65 26.68 -16.07
C GLN A 419 1.62 26.66 -14.95
N ASP A 420 0.36 26.89 -15.30
CA ASP A 420 -0.74 26.80 -14.34
C ASP A 420 -0.86 25.41 -13.72
N LEU A 421 -0.59 24.38 -14.52
CA LEU A 421 -0.71 23.01 -14.06
C LEU A 421 0.40 22.72 -13.10
N THR A 422 1.60 23.20 -13.43
CA THR A 422 2.76 23.02 -12.58
C THR A 422 2.56 23.67 -11.22
N VAL A 423 2.01 24.89 -11.22
CA VAL A 423 1.72 25.63 -9.98
C VAL A 423 0.67 24.91 -9.15
N LEU A 424 -0.43 24.51 -9.79
CA LEU A 424 -1.53 23.86 -9.09
C LEU A 424 -1.08 22.53 -8.48
N GLN A 425 -0.38 21.75 -9.29
CA GLN A 425 0.19 20.47 -8.91
C GLN A 425 1.09 20.57 -7.68
N GLU A 426 2.03 21.51 -7.71
CA GLU A 426 2.94 21.70 -6.58
C GLU A 426 2.15 22.01 -5.32
N ARG A 427 1.21 22.95 -5.41
CA ARG A 427 0.38 23.28 -4.26
C ARG A 427 -0.40 22.07 -3.73
N PHE A 428 -0.90 21.25 -4.65
CA PHE A 428 -1.70 20.08 -4.28
C PHE A 428 -0.85 19.06 -3.55
N VAL A 429 0.28 18.64 -4.13
CA VAL A 429 1.05 17.58 -3.50
C VAL A 429 1.62 18.01 -2.15
N ARG A 430 1.94 19.28 -1.99
CA ARG A 430 2.37 19.77 -0.69
C ARG A 430 1.20 19.71 0.30
N PHE A 431 0.01 20.10 -0.15
CA PHE A 431 -1.16 20.06 0.72
C PHE A 431 -1.55 18.63 1.09
N LEU A 432 -1.45 17.71 0.13
CA LEU A 432 -1.76 16.31 0.37
C LEU A 432 -0.83 15.71 1.42
N ALA A 433 0.45 16.03 1.31
CA ALA A 433 1.45 15.50 2.22
C ALA A 433 1.22 16.06 3.62
N GLU A 434 0.80 17.32 3.70
CA GLU A 434 0.52 17.99 4.97
C GLU A 434 -0.67 17.34 5.68
N LEU A 435 -1.74 17.07 4.93
CA LEU A 435 -2.90 16.35 5.42
C LEU A 435 -2.54 14.95 5.92
N ALA A 436 -1.74 14.25 5.13
CA ALA A 436 -1.37 12.86 5.42
C ALA A 436 -0.48 12.73 6.65
N ALA A 437 0.35 13.73 6.90
CA ALA A 437 1.29 13.68 8.01
C ALA A 437 0.55 13.75 9.36
N ASP A 438 -0.67 14.27 9.34
CA ASP A 438 -1.50 14.29 10.55
C ASP A 438 -2.99 14.28 10.21
N PRO A 439 -3.59 13.08 10.05
CA PRO A 439 -5.00 13.01 9.68
C PRO A 439 -5.94 13.53 10.74
N ALA A 440 -5.47 13.59 11.99
CA ALA A 440 -6.30 14.08 13.08
C ALA A 440 -6.50 15.59 12.98
N ALA A 441 -5.63 16.26 12.25
CA ALA A 441 -5.73 17.71 12.10
C ALA A 441 -7.03 18.13 11.45
N THR A 442 -7.50 19.32 11.80
CA THR A 442 -8.70 19.91 11.23
C THR A 442 -8.37 20.47 9.84
N VAL A 443 -9.15 20.09 8.84
CA VAL A 443 -8.86 20.44 7.45
C VAL A 443 -8.73 21.95 7.22
N ASP A 444 -9.63 22.72 7.84
CA ASP A 444 -9.63 24.17 7.71
C ASP A 444 -8.39 24.83 8.33
N GLU A 445 -7.64 24.07 9.13
CA GLU A 445 -6.46 24.60 9.82
C GLU A 445 -5.14 24.18 9.18
N VAL A 446 -5.18 23.19 8.28
CA VAL A 446 -3.95 22.68 7.69
C VAL A 446 -3.34 23.70 6.73
N ALA A 447 -2.02 23.78 6.77
CA ALA A 447 -1.26 24.75 5.98
C ALA A 447 -1.44 24.52 4.48
N LEU A 448 -1.75 25.60 3.77
CA LEU A 448 -1.91 25.59 2.33
C LEU A 448 -1.01 26.67 1.73
N LEU A 449 -0.20 26.31 0.75
CA LEU A 449 0.74 27.26 0.17
C LEU A 449 0.04 28.22 -0.79
N THR A 450 0.53 29.45 -0.84
CA THR A 450 -0.04 30.48 -1.72
C THR A 450 0.22 30.13 -3.18
N ASN B 5 21.21 13.64 34.26
CA ASN B 5 21.28 13.58 35.71
C ASN B 5 20.90 12.17 36.23
N SER B 6 21.70 11.67 37.18
CA SER B 6 21.65 10.27 37.59
C SER B 6 20.71 10.02 38.78
N SER B 7 20.42 11.05 39.56
CA SER B 7 19.59 10.94 40.76
C SER B 7 18.10 11.17 40.48
N VAL B 8 17.81 11.76 39.32
CA VAL B 8 16.43 11.98 38.89
C VAL B 8 15.65 10.67 38.78
N ARG B 9 14.44 10.67 39.35
CA ARG B 9 13.54 9.52 39.31
C ARG B 9 12.50 9.72 38.21
N HIS B 10 12.59 8.93 37.15
CA HIS B 10 11.71 9.11 36.00
C HIS B 10 10.50 8.24 36.13
N GLY B 11 9.35 8.78 35.77
CA GLY B 11 8.12 8.02 35.80
C GLY B 11 8.07 7.01 34.67
N LEU B 12 7.47 5.87 34.95
CA LEU B 12 7.22 4.84 33.93
C LEU B 12 5.99 5.19 33.12
N THR B 13 5.95 4.73 31.89
CA THR B 13 4.74 4.82 31.10
C THR B 13 3.77 3.79 31.65
N SER B 14 2.51 3.88 31.23
CA SER B 14 1.51 2.86 31.57
C SER B 14 1.96 1.48 31.16
N ALA B 15 2.42 1.34 29.92
CA ALA B 15 2.85 0.04 29.42
C ALA B 15 4.04 -0.49 30.23
N GLN B 16 4.95 0.40 30.58
CA GLN B 16 6.10 -0.01 31.38
C GLN B 16 5.67 -0.45 32.78
N HIS B 17 4.74 0.27 33.40
CA HIS B 17 4.16 -0.19 34.68
C HIS B 17 3.59 -1.59 34.53
N CYS B 18 2.97 -1.86 33.39
CA CYS B 18 2.29 -3.12 33.20
C CYS B 18 3.31 -4.24 33.10
N VAL B 19 4.39 -4.00 32.34
CA VAL B 19 5.45 -4.97 32.18
C VAL B 19 6.18 -5.19 33.52
N TRP B 20 6.40 -4.12 34.26
CA TRP B 20 7.06 -4.21 35.56
C TRP B 20 6.30 -5.16 36.49
N LEU B 21 5.00 -4.92 36.58
CA LEU B 21 4.15 -5.72 37.46
C LEU B 21 4.16 -7.18 37.04
N ALA B 22 4.08 -7.45 35.73
CA ALA B 22 4.10 -8.81 35.24
C ALA B 22 5.44 -9.49 35.52
N GLN B 23 6.54 -8.75 35.39
CA GLN B 23 7.84 -9.28 35.69
C GLN B 23 7.95 -9.70 37.16
N GLN B 24 7.34 -8.95 38.07
CA GLN B 24 7.46 -9.29 39.50
C GLN B 24 6.82 -10.64 39.85
N LEU B 25 5.89 -11.11 39.03
CA LEU B 25 5.25 -12.40 39.26
C LEU B 25 6.17 -13.56 38.91
N ASP B 26 7.18 -13.30 38.10
CA ASP B 26 8.14 -14.33 37.69
C ASP B 26 9.51 -13.68 37.58
N PRO B 27 10.07 -13.29 38.73
CA PRO B 27 11.23 -12.41 38.86
C PRO B 27 12.42 -12.78 37.99
N ARG B 28 12.72 -14.07 37.91
CA ARG B 28 13.92 -14.53 37.23
C ARG B 28 13.60 -15.10 35.85
N GLY B 29 12.35 -14.90 35.40
CA GLY B 29 11.93 -15.40 34.10
C GLY B 29 12.34 -14.47 32.96
N ALA B 30 12.31 -15.00 31.74
CA ALA B 30 12.68 -14.24 30.55
C ALA B 30 11.50 -14.09 29.59
N HIS B 31 10.29 -14.16 30.10
CA HIS B 31 9.12 -14.16 29.25
C HIS B 31 8.87 -12.81 28.58
N TYR B 32 9.48 -11.74 29.08
CA TYR B 32 9.36 -10.43 28.45
C TYR B 32 10.60 -10.03 27.65
N ARG B 33 11.47 -10.99 27.36
CA ARG B 33 12.48 -10.75 26.34
C ARG B 33 11.88 -10.85 24.96
N THR B 34 12.19 -9.84 24.15
CA THR B 34 11.73 -9.81 22.76
C THR B 34 12.92 -9.53 21.88
N GLY B 35 12.73 -9.68 20.59
CA GLY B 35 13.83 -9.46 19.68
C GLY B 35 13.44 -9.31 18.23
N SER B 36 14.36 -8.73 17.48
CA SER B 36 14.21 -8.61 16.04
C SER B 36 15.59 -8.67 15.43
N CYS B 37 15.65 -8.64 14.11
CA CYS B 37 16.93 -8.53 13.48
C CYS B 37 16.84 -7.85 12.14
N LEU B 38 17.99 -7.46 11.64
CA LEU B 38 18.14 -6.95 10.29
C LEU B 38 18.95 -7.95 9.49
N GLU B 39 18.40 -8.38 8.37
CA GLU B 39 19.14 -9.19 7.41
C GLU B 39 19.82 -8.22 6.45
N ILE B 40 21.15 -8.21 6.43
CA ILE B 40 21.91 -7.15 5.79
C ILE B 40 22.72 -7.71 4.62
N ASP B 41 22.52 -7.11 3.45
CA ASP B 41 22.92 -7.74 2.18
C ASP B 41 24.32 -7.41 1.70
N GLY B 42 25.11 -6.72 2.52
CA GLY B 42 26.44 -6.30 2.14
C GLY B 42 27.33 -6.16 3.36
N PRO B 43 28.66 -6.11 3.15
CA PRO B 43 29.56 -6.15 4.31
C PRO B 43 29.59 -4.88 5.15
N LEU B 44 29.75 -5.09 6.45
CA LEU B 44 29.85 -4.03 7.43
C LEU B 44 31.15 -4.16 8.21
N ASP B 45 31.63 -3.03 8.71
CA ASP B 45 32.84 -2.99 9.52
C ASP B 45 32.42 -3.07 10.98
N HIS B 46 32.67 -4.20 11.63
CA HIS B 46 32.22 -4.41 13.01
C HIS B 46 32.78 -3.36 13.98
N ALA B 47 34.04 -2.99 13.79
CA ALA B 47 34.67 -2.03 14.69
C ALA B 47 33.95 -0.69 14.61
N VAL B 48 33.59 -0.26 13.41
CA VAL B 48 32.90 1.01 13.25
C VAL B 48 31.46 0.89 13.71
N LEU B 49 30.83 -0.25 13.44
CA LEU B 49 29.45 -0.43 13.84
C LEU B 49 29.36 -0.49 15.37
N SER B 50 30.38 -1.04 16.03
CA SER B 50 30.44 -1.03 17.48
C SER B 50 30.52 0.39 18.07
N ARG B 51 31.32 1.25 17.45
CA ARG B 51 31.36 2.66 17.84
C ARG B 51 30.00 3.31 17.63
N ALA B 52 29.36 2.95 16.52
CA ALA B 52 28.07 3.49 16.16
C ALA B 52 27.04 3.08 17.21
N LEU B 53 27.15 1.84 17.69
CA LEU B 53 26.20 1.35 18.67
C LEU B 53 26.35 2.12 19.99
N ARG B 54 27.57 2.32 20.45
CA ARG B 54 27.80 3.08 21.68
C ARG B 54 27.20 4.46 21.57
N LEU B 55 27.46 5.13 20.47
CA LEU B 55 26.88 6.45 20.24
C LEU B 55 25.35 6.43 20.11
N THR B 56 24.80 5.41 19.45
CA THR B 56 23.36 5.27 19.34
C THR B 56 22.74 5.09 20.74
N VAL B 57 23.30 4.19 21.55
CA VAL B 57 22.77 3.91 22.87
C VAL B 57 22.87 5.17 23.72
N ALA B 58 23.99 5.89 23.60
CA ALA B 58 24.22 7.09 24.43
C ALA B 58 23.15 8.17 24.23
N GLY B 59 22.58 8.23 23.02
CA GLY B 59 21.53 9.19 22.70
C GLY B 59 20.12 8.61 22.79
N THR B 60 20.00 7.41 23.35
CA THR B 60 18.71 6.72 23.45
C THR B 60 18.45 6.38 24.90
N GLU B 61 17.73 7.27 25.58
CA GLU B 61 17.62 7.22 27.03
C GLU B 61 17.14 5.85 27.53
N THR B 62 16.21 5.26 26.79
CA THR B 62 15.59 4.04 27.24
C THR B 62 16.58 2.86 27.23
N LEU B 63 17.57 2.91 26.35
CA LEU B 63 18.59 1.87 26.31
C LEU B 63 19.71 2.15 27.33
N CYS B 64 19.61 3.27 28.05
CA CYS B 64 20.55 3.63 29.11
C CYS B 64 19.94 3.55 30.48
N SER B 65 18.78 2.91 30.60
CA SER B 65 18.04 3.01 31.85
C SER B 65 18.04 1.72 32.65
N ARG B 66 17.82 1.88 33.94
CA ARG B 66 17.59 0.76 34.87
C ARG B 66 16.36 1.11 35.67
N PHE B 67 15.75 0.12 36.31
CA PHE B 67 14.52 0.33 37.07
C PHE B 67 14.76 -0.01 38.53
N LEU B 68 14.39 0.93 39.38
CA LEU B 68 14.64 0.84 40.81
C LEU B 68 13.30 1.05 41.50
N THR B 69 13.28 0.95 42.82
CA THR B 69 12.03 1.07 43.55
C THR B 69 12.17 2.05 44.69
N ASP B 70 11.12 2.82 44.93
CA ASP B 70 11.09 3.70 46.07
C ASP B 70 10.94 2.85 47.32
N GLU B 71 10.67 3.50 48.44
CA GLU B 71 10.65 2.81 49.72
C GLU B 71 9.38 1.97 49.81
N GLU B 72 8.33 2.48 49.17
CA GLU B 72 7.05 1.77 48.99
C GLU B 72 7.10 0.60 47.97
N GLY B 73 8.26 0.38 47.33
CA GLY B 73 8.38 -0.67 46.33
C GLY B 73 7.93 -0.26 44.92
N ARG B 74 7.36 0.94 44.78
CA ARG B 74 6.89 1.41 43.49
C ARG B 74 8.06 1.76 42.54
N PRO B 75 7.99 1.29 41.29
CA PRO B 75 9.15 1.46 40.40
C PRO B 75 9.36 2.88 39.88
N TYR B 76 10.62 3.22 39.63
CA TYR B 76 10.94 4.36 38.80
C TYR B 76 12.11 4.03 37.86
N ARG B 77 12.33 4.90 36.89
CA ARG B 77 13.38 4.67 35.91
C ARG B 77 14.53 5.61 36.18
N ALA B 78 15.73 5.05 36.18
CA ALA B 78 16.97 5.80 36.41
C ALA B 78 17.86 5.74 35.17
N TYR B 79 18.47 6.88 34.87
CA TYR B 79 19.24 7.05 33.66
C TYR B 79 20.71 6.89 33.96
N CYS B 80 21.35 6.02 33.19
CA CYS B 80 22.75 5.65 33.38
C CYS B 80 23.48 5.71 32.05
N PRO B 81 24.04 6.88 31.73
CA PRO B 81 24.84 7.04 30.52
C PRO B 81 25.92 5.96 30.36
N PRO B 82 26.27 5.62 29.12
CA PRO B 82 27.43 4.73 28.97
C PRO B 82 28.70 5.46 29.32
N ALA B 83 29.78 4.71 29.53
CA ALA B 83 31.09 5.33 29.68
C ALA B 83 31.48 5.98 28.35
N PRO B 84 32.33 7.02 28.40
CA PRO B 84 32.79 7.67 27.16
C PRO B 84 33.42 6.70 26.18
N GLU B 85 33.38 7.00 24.89
CA GLU B 85 34.00 6.14 23.88
C GLU B 85 35.49 6.01 24.20
N GLY B 86 35.98 4.78 24.16
CA GLY B 86 37.38 4.52 24.45
C GLY B 86 37.61 4.17 25.90
N SER B 87 36.84 4.79 26.79
CA SER B 87 36.93 4.49 28.22
C SER B 87 36.52 3.06 28.54
N ALA B 88 37.19 2.48 29.54
CA ALA B 88 36.94 1.11 29.99
C ALA B 88 36.33 1.10 31.38
N ALA B 89 36.06 2.30 31.91
CA ALA B 89 35.50 2.43 33.26
C ALA B 89 34.08 1.86 33.35
N VAL B 90 33.77 1.29 34.52
CA VAL B 90 32.49 0.61 34.78
C VAL B 90 31.51 1.50 35.58
N GLU B 91 32.06 2.47 36.31
CA GLU B 91 31.27 3.37 37.13
C GLU B 91 31.79 4.78 36.95
N ASP B 92 30.92 5.77 37.06
CA ASP B 92 31.39 7.14 36.97
C ASP B 92 32.00 7.48 38.34
N PRO B 93 32.65 8.63 38.45
CA PRO B 93 33.37 8.98 39.69
C PRO B 93 32.51 9.00 40.96
N ASP B 94 31.19 8.99 40.82
CA ASP B 94 30.31 9.06 41.98
C ASP B 94 29.66 7.72 42.31
N GLY B 95 30.02 6.68 41.56
CA GLY B 95 29.51 5.34 41.82
C GLY B 95 28.26 4.98 41.03
N VAL B 96 27.90 5.83 40.08
CA VAL B 96 26.77 5.54 39.22
C VAL B 96 27.23 4.55 38.14
N PRO B 97 26.57 3.39 38.05
CA PRO B 97 27.02 2.44 37.04
C PRO B 97 26.86 2.99 35.63
N TYR B 98 27.83 2.72 34.76
CA TYR B 98 27.70 3.04 33.34
C TYR B 98 26.91 1.95 32.65
N THR B 99 26.07 2.32 31.69
CA THR B 99 25.43 1.33 30.86
C THR B 99 26.48 0.64 30.00
N PRO B 100 26.65 -0.68 30.14
CA PRO B 100 27.60 -1.36 29.26
C PRO B 100 27.06 -1.43 27.84
N VAL B 101 27.96 -1.30 26.86
CA VAL B 101 27.60 -1.41 25.46
C VAL B 101 28.53 -2.41 24.80
N LEU B 102 27.94 -3.49 24.34
CA LEU B 102 28.68 -4.57 23.71
C LEU B 102 28.00 -4.97 22.41
N LEU B 103 28.74 -4.88 21.30
CA LEU B 103 28.29 -5.47 20.06
C LEU B 103 29.07 -6.75 19.82
N ARG B 104 28.44 -7.89 20.04
CA ARG B 104 29.09 -9.17 19.79
C ARG B 104 29.34 -9.33 18.30
N HIS B 105 30.43 -9.99 17.95
CA HIS B 105 30.68 -10.40 16.57
C HIS B 105 30.79 -11.90 16.49
N ILE B 106 29.81 -12.51 15.82
CA ILE B 106 29.72 -13.96 15.67
C ILE B 106 29.93 -14.28 14.20
N ASP B 107 31.12 -14.76 13.86
CA ASP B 107 31.45 -15.14 12.48
C ASP B 107 31.00 -16.58 12.20
N LEU B 108 29.94 -16.71 11.42
CA LEU B 108 29.44 -18.03 11.01
C LEU B 108 29.73 -18.34 9.55
N SER B 109 30.63 -17.57 8.94
CA SER B 109 30.84 -17.64 7.49
C SER B 109 31.29 -19.04 7.06
N GLY B 110 32.10 -19.71 7.88
CA GLY B 110 32.54 -21.06 7.55
C GLY B 110 31.63 -22.18 8.04
N HIS B 111 30.35 -21.88 8.29
CA HIS B 111 29.45 -22.83 8.94
C HIS B 111 28.51 -23.49 7.93
N GLU B 112 28.06 -24.70 8.24
CA GLU B 112 27.16 -25.45 7.36
C GLU B 112 25.83 -24.74 7.11
N ASP B 113 25.24 -24.20 8.19
CA ASP B 113 23.99 -23.46 8.10
C ASP B 113 24.08 -22.19 8.94
N PRO B 114 24.74 -21.16 8.40
CA PRO B 114 24.91 -19.92 9.16
C PRO B 114 23.58 -19.36 9.65
N GLU B 115 22.55 -19.35 8.80
CA GLU B 115 21.26 -18.79 9.17
C GLU B 115 20.64 -19.53 10.35
N GLY B 116 20.67 -20.86 10.28
CA GLY B 116 20.04 -21.69 11.28
C GLY B 116 20.74 -21.58 12.61
N GLU B 117 22.06 -21.47 12.54
CA GLU B 117 22.91 -21.33 13.72
C GLU B 117 22.70 -19.97 14.42
N ALA B 118 22.57 -18.91 13.61
CA ALA B 118 22.28 -17.58 14.12
C ALA B 118 20.91 -17.56 14.82
N GLN B 119 19.92 -18.21 14.21
CA GLN B 119 18.58 -18.33 14.81
C GLN B 119 18.65 -19.06 16.16
N ARG B 120 19.44 -20.11 16.24
CA ARG B 120 19.56 -20.83 17.49
C ARG B 120 20.24 -19.94 18.52
N TRP B 121 21.22 -19.13 18.08
CA TRP B 121 21.90 -18.21 18.98
C TRP B 121 20.93 -17.16 19.52
N MET B 122 20.09 -16.60 18.66
CA MET B 122 19.16 -15.56 19.10
C MET B 122 18.14 -16.11 20.08
N ASP B 123 17.75 -17.36 19.87
CA ASP B 123 16.79 -18.02 20.75
C ASP B 123 17.36 -18.26 22.14
N ARG B 124 18.63 -18.65 22.22
CA ARG B 124 19.33 -18.81 23.49
C ARG B 124 19.40 -17.47 24.22
N ASP B 125 19.64 -16.41 23.45
CA ASP B 125 19.81 -15.11 24.05
C ASP B 125 18.49 -14.60 24.59
N ARG B 126 17.41 -14.89 23.85
CA ARG B 126 16.07 -14.48 24.26
C ARG B 126 15.64 -15.18 25.54
N ALA B 127 16.23 -16.34 25.83
CA ALA B 127 15.90 -17.09 27.04
C ALA B 127 16.74 -16.64 28.23
N THR B 128 17.62 -15.67 28.03
CA THR B 128 18.45 -15.15 29.11
C THR B 128 17.75 -14.01 29.85
N PRO B 129 17.49 -14.18 31.15
CA PRO B 129 16.89 -13.08 31.95
C PRO B 129 17.79 -11.85 32.04
N LEU B 130 17.17 -10.68 31.95
CA LEU B 130 17.83 -9.40 32.18
C LEU B 130 17.20 -8.73 33.40
N PRO B 131 17.89 -8.76 34.55
CA PRO B 131 17.38 -8.08 35.74
C PRO B 131 17.22 -6.58 35.48
N LEU B 132 16.09 -6.04 35.89
CA LEU B 132 15.69 -4.70 35.53
C LEU B 132 16.48 -3.63 36.23
N ASP B 133 17.16 -3.99 37.31
CA ASP B 133 17.90 -3.00 38.09
C ASP B 133 19.33 -2.82 37.59
N ARG B 134 19.67 -3.48 36.48
CA ARG B 134 20.98 -3.30 35.84
C ARG B 134 20.83 -2.55 34.51
N PRO B 135 21.50 -1.40 34.37
CA PRO B 135 21.25 -0.54 33.20
C PRO B 135 21.64 -1.17 31.84
N GLY B 136 20.94 -0.78 30.79
CA GLY B 136 21.22 -1.29 29.46
C GLY B 136 20.54 -2.61 29.17
N LEU B 137 19.21 -2.58 29.12
CA LEU B 137 18.44 -3.80 29.01
C LEU B 137 18.29 -4.29 27.56
N SER B 138 19.42 -4.41 26.88
CA SER B 138 19.39 -4.91 25.51
C SER B 138 20.61 -5.79 25.27
N SER B 139 20.57 -6.52 24.17
CA SER B 139 21.63 -7.43 23.81
C SER B 139 21.78 -7.34 22.31
N HIS B 140 23.02 -7.22 21.85
CA HIS B 140 23.32 -6.93 20.46
C HIS B 140 24.31 -7.92 19.89
N ALA B 141 24.08 -8.34 18.65
CA ALA B 141 25.07 -9.18 17.97
C ALA B 141 25.00 -8.95 16.50
N LEU B 142 26.19 -8.83 15.92
CA LEU B 142 26.35 -8.80 14.49
C LEU B 142 26.83 -10.16 14.04
N PHE B 143 26.05 -10.83 13.20
CA PHE B 143 26.46 -12.09 12.63
C PHE B 143 27.09 -11.83 11.27
N THR B 144 28.18 -12.53 10.99
CA THR B 144 28.70 -12.62 9.63
C THR B 144 28.29 -13.99 9.09
N LEU B 145 27.62 -13.97 7.94
CA LEU B 145 26.99 -15.16 7.36
C LEU B 145 27.68 -15.64 6.09
N GLY B 146 28.77 -14.99 5.72
CA GLY B 146 29.45 -15.34 4.49
C GLY B 146 28.78 -14.76 3.25
N GLY B 147 29.55 -14.59 2.20
CA GLY B 147 29.07 -13.93 1.01
C GLY B 147 28.84 -12.45 1.26
N GLY B 148 29.48 -11.90 2.28
CA GLY B 148 29.31 -10.50 2.58
C GLY B 148 27.91 -10.16 3.10
N ARG B 149 27.25 -11.15 3.69
CA ARG B 149 25.93 -10.96 4.27
C ARG B 149 26.03 -10.94 5.79
N HIS B 150 25.15 -10.16 6.42
CA HIS B 150 25.13 -10.02 7.87
C HIS B 150 23.72 -10.19 8.44
N LEU B 151 23.68 -10.46 9.74
CA LEU B 151 22.47 -10.41 10.52
C LEU B 151 22.77 -9.54 11.73
N TYR B 152 21.99 -8.48 11.96
CA TYR B 152 22.12 -7.71 13.21
C TYR B 152 20.99 -8.12 14.12
N TYR B 153 21.32 -8.64 15.29
CA TYR B 153 20.31 -9.00 16.25
C TYR B 153 20.18 -7.96 17.34
N LEU B 154 18.94 -7.52 17.55
CA LEU B 154 18.58 -6.66 18.67
C LEU B 154 17.66 -7.40 19.62
N GLY B 155 18.19 -7.76 20.78
CA GLY B 155 17.39 -8.40 21.80
C GLY B 155 17.14 -7.39 22.89
N VAL B 156 15.92 -7.33 23.41
CA VAL B 156 15.60 -6.35 24.44
C VAL B 156 14.71 -6.92 25.54
N HIS B 157 14.65 -6.24 26.67
CA HIS B 157 13.54 -6.43 27.59
C HIS B 157 12.38 -5.60 27.08
N HIS B 158 11.18 -6.16 27.04
CA HIS B 158 10.05 -5.41 26.53
C HIS B 158 9.81 -4.08 27.28
N ILE B 159 10.31 -3.97 28.52
CA ILE B 159 10.03 -2.75 29.29
C ILE B 159 10.76 -1.52 28.70
N VAL B 160 11.80 -1.73 27.90
CA VAL B 160 12.54 -0.57 27.34
C VAL B 160 12.27 -0.28 25.87
N ILE B 161 11.79 -1.28 25.11
CA ILE B 161 11.69 -1.14 23.66
C ILE B 161 10.45 -1.89 23.14
N ASP B 162 9.61 -1.14 22.41
CA ASP B 162 8.45 -1.69 21.71
C ASP B 162 8.76 -1.74 20.22
N GLY B 163 7.83 -2.29 19.44
CA GLY B 163 8.03 -2.49 18.01
C GLY B 163 8.38 -1.21 17.28
N THR B 164 7.63 -0.14 17.55
CA THR B 164 7.94 1.17 16.99
C THR B 164 9.38 1.57 17.24
N SER B 165 9.86 1.33 18.45
CA SER B 165 11.18 1.81 18.83
C SER B 165 12.30 0.98 18.20
N MET B 166 12.02 -0.27 17.88
CA MET B 166 13.00 -1.09 17.18
C MET B 166 13.36 -0.45 15.86
N ALA B 167 12.36 0.02 15.12
CA ALA B 167 12.61 0.71 13.86
C ALA B 167 13.37 2.01 14.09
N LEU B 168 13.01 2.74 15.15
CA LEU B 168 13.73 3.97 15.48
C LEU B 168 15.21 3.67 15.76
N PHE B 169 15.48 2.57 16.46
CA PHE B 169 16.84 2.21 16.78
C PHE B 169 17.64 1.89 15.51
N TYR B 170 17.09 1.05 14.65
CA TYR B 170 17.80 0.62 13.45
C TYR B 170 18.09 1.79 12.52
N GLU B 171 17.13 2.69 12.34
CA GLU B 171 17.34 3.89 11.54
C GLU B 171 18.48 4.74 12.09
N ARG B 172 18.51 4.91 13.40
CA ARG B 172 19.54 5.72 14.02
C ARG B 172 20.91 5.05 13.92
N LEU B 173 20.97 3.74 14.14
CA LEU B 173 22.24 3.02 14.11
C LEU B 173 22.94 3.18 12.76
N ALA B 174 22.16 3.04 11.70
CA ALA B 174 22.65 3.15 10.33
C ALA B 174 23.10 4.58 10.02
N GLU B 175 22.32 5.55 10.47
CA GLU B 175 22.65 6.96 10.30
C GLU B 175 24.01 7.27 10.94
N VAL B 176 24.19 6.84 12.17
CA VAL B 176 25.46 6.97 12.86
C VAL B 176 26.56 6.23 12.14
N TYR B 177 26.31 4.98 11.75
CA TYR B 177 27.30 4.20 11.01
C TYR B 177 27.75 4.92 9.74
N ARG B 178 26.80 5.42 8.96
CA ARG B 178 27.14 6.14 7.72
C ARG B 178 28.04 7.35 8.00
N ALA B 179 27.76 8.10 9.06
CA ALA B 179 28.55 9.28 9.38
C ALA B 179 29.97 8.90 9.74
N LEU B 180 30.10 7.87 10.57
CA LEU B 180 31.41 7.41 11.04
C LEU B 180 32.25 6.91 9.88
N ARG B 181 31.60 6.23 8.95
CA ARG B 181 32.27 5.69 7.78
C ARG B 181 32.69 6.82 6.84
N ASP B 182 31.86 7.84 6.72
CA ASP B 182 32.17 8.98 5.86
C ASP B 182 33.14 9.96 6.51
N GLY B 183 33.28 9.87 7.83
CA GLY B 183 34.14 10.80 8.55
C GLY B 183 33.45 12.14 8.76
N ARG B 184 32.12 12.14 8.70
CA ARG B 184 31.31 13.33 8.93
C ARG B 184 30.97 13.41 10.40
N ALA B 185 30.54 14.59 10.85
CA ALA B 185 30.02 14.68 12.20
C ALA B 185 28.75 13.83 12.27
N VAL B 186 28.63 13.04 13.33
CA VAL B 186 27.43 12.26 13.56
C VAL B 186 26.26 13.21 13.79
N PRO B 187 25.20 13.11 12.95
CA PRO B 187 24.06 14.00 13.16
C PRO B 187 23.49 13.87 14.57
N ALA B 188 22.94 14.96 15.12
CA ALA B 188 22.45 14.95 16.49
C ALA B 188 21.26 14.02 16.63
N ALA B 189 21.25 13.27 17.72
CA ALA B 189 20.10 12.46 18.08
C ALA B 189 18.87 13.36 18.14
N ALA B 190 17.85 13.00 17.39
CA ALA B 190 16.62 13.77 17.30
C ALA B 190 15.47 13.07 18.01
N PHE B 191 15.75 12.43 19.14
CA PHE B 191 14.73 11.67 19.86
C PHE B 191 13.98 12.56 20.86
N GLY B 192 12.74 12.18 21.14
CA GLY B 192 11.90 12.91 22.06
C GLY B 192 12.19 12.62 23.51
N ASP B 193 11.33 13.13 24.38
CA ASP B 193 11.55 13.11 25.81
C ASP B 193 10.51 12.24 26.52
N THR B 194 10.97 11.25 27.27
CA THR B 194 10.06 10.26 27.82
C THR B 194 9.21 10.90 28.92
N ASP B 195 9.83 11.78 29.70
CA ASP B 195 9.13 12.46 30.78
C ASP B 195 7.89 13.19 30.27
N ARG B 196 8.02 13.83 29.10
CA ARG B 196 6.90 14.58 28.54
C ARG B 196 5.80 13.64 28.10
N MET B 197 6.23 12.50 27.54
CA MET B 197 5.31 11.50 27.07
C MET B 197 4.55 10.89 28.27
N VAL B 198 5.26 10.68 29.38
CA VAL B 198 4.61 10.15 30.58
C VAL B 198 3.64 11.21 31.12
N ALA B 199 4.07 12.46 31.13
CA ALA B 199 3.20 13.56 31.57
C ALA B 199 1.93 13.62 30.73
N GLY B 200 2.04 13.36 29.44
CA GLY B 200 0.88 13.28 28.57
C GLY B 200 -0.09 12.19 28.99
N GLU B 201 0.43 11.02 29.33
CA GLU B 201 -0.42 9.93 29.79
C GLU B 201 -1.12 10.30 31.10
N GLU B 202 -0.40 11.00 31.96
CA GLU B 202 -0.96 11.39 33.25
C GLU B 202 -2.09 12.40 33.08
N ALA B 203 -1.85 13.42 32.27
CA ALA B 203 -2.90 14.35 31.87
C ALA B 203 -4.13 13.62 31.33
N TYR B 204 -3.93 12.59 30.50
CA TYR B 204 -5.07 11.82 29.98
C TYR B 204 -5.85 11.10 31.09
N ARG B 205 -5.14 10.52 32.06
CA ARG B 205 -5.82 9.79 33.12
C ARG B 205 -6.66 10.74 33.96
N ALA B 206 -6.18 11.97 34.10
CA ALA B 206 -6.86 13.01 34.88
C ALA B 206 -8.00 13.68 34.12
N SER B 207 -8.12 13.39 32.83
CA SER B 207 -9.07 14.12 31.98
C SER B 207 -10.42 13.39 31.91
N ALA B 208 -11.43 14.11 31.45
CA ALA B 208 -12.76 13.54 31.24
C ALA B 208 -12.71 12.35 30.28
N ARG B 209 -11.89 12.47 29.23
CA ARG B 209 -11.83 11.45 28.19
C ARG B 209 -11.58 10.05 28.75
N TYR B 210 -10.81 9.96 29.84
CA TYR B 210 -10.58 8.68 30.50
C TYR B 210 -11.88 7.99 30.89
N GLU B 211 -12.77 8.74 31.52
CA GLU B 211 -14.05 8.20 31.94
C GLU B 211 -14.92 7.83 30.74
N ARG B 212 -14.92 8.69 29.73
CA ARG B 212 -15.62 8.37 28.49
C ARG B 212 -15.09 7.05 27.94
N ASP B 213 -13.77 6.92 27.84
CA ASP B 213 -13.16 5.71 27.29
C ASP B 213 -13.50 4.50 28.15
N ARG B 214 -13.41 4.68 29.47
CA ARG B 214 -13.72 3.62 30.40
C ARG B 214 -15.15 3.11 30.19
N ALA B 215 -16.09 4.05 30.11
CA ALA B 215 -17.48 3.72 29.86
C ALA B 215 -17.63 2.98 28.53
N TYR B 216 -16.93 3.47 27.52
CA TYR B 216 -17.00 2.84 26.20
C TYR B 216 -16.56 1.38 26.25
N TRP B 217 -15.38 1.13 26.80
CA TRP B 217 -14.80 -0.22 26.77
C TRP B 217 -15.53 -1.17 27.71
N THR B 218 -15.87 -0.70 28.92
CA THR B 218 -16.61 -1.55 29.85
C THR B 218 -17.98 -1.85 29.25
N GLY B 219 -18.57 -0.83 28.63
CA GLY B 219 -19.81 -0.99 27.90
C GLY B 219 -19.80 -2.13 26.88
N LEU B 220 -18.73 -2.23 26.10
CA LEU B 220 -18.66 -3.22 25.02
C LEU B 220 -18.48 -4.65 25.48
N PHE B 221 -17.89 -4.83 26.66
CA PHE B 221 -17.56 -6.16 27.14
C PHE B 221 -18.09 -6.42 28.55
N THR B 222 -19.04 -5.59 29.01
CA THR B 222 -19.70 -5.81 30.31
C THR B 222 -19.99 -7.29 30.52
N ASP B 223 -20.56 -7.94 29.51
CA ASP B 223 -20.80 -9.37 29.58
C ASP B 223 -19.46 -10.12 29.57
N PRO B 225 -17.11 -11.50 27.87
CA PRO B 225 -16.97 -12.84 27.28
C PRO B 225 -15.60 -13.44 27.54
N GLU B 226 -15.59 -14.69 28.00
CA GLU B 226 -14.36 -15.39 28.34
C GLU B 226 -13.49 -15.62 27.09
N PRO B 227 -12.17 -15.31 27.17
CA PRO B 227 -11.28 -15.58 26.03
C PRO B 227 -11.27 -17.06 25.61
N VAL B 228 -11.21 -17.32 24.31
CA VAL B 228 -11.24 -18.67 23.77
C VAL B 228 -10.01 -18.93 22.89
N SER B 229 -9.52 -20.16 22.90
CA SER B 229 -8.31 -20.50 22.16
C SER B 229 -8.62 -21.17 20.81
N GLY B 236 -3.97 -19.71 30.51
CA GLY B 236 -2.84 -19.72 31.42
C GLY B 236 -2.06 -18.42 31.39
N ARG B 237 -0.89 -18.41 32.06
CA ARG B 237 -0.07 -17.22 32.11
C ARG B 237 0.53 -16.91 30.74
N ALA B 238 0.99 -15.69 30.55
CA ALA B 238 1.67 -15.34 29.31
C ALA B 238 3.11 -15.85 29.36
N LEU B 239 3.47 -16.58 28.32
CA LEU B 239 4.78 -17.21 28.19
C LEU B 239 5.41 -16.84 26.86
N ALA B 240 6.73 -16.86 26.83
CA ALA B 240 7.52 -16.67 25.63
C ALA B 240 7.07 -17.66 24.59
N PRO B 241 6.78 -17.18 23.38
CA PRO B 241 6.15 -18.12 22.46
C PRO B 241 7.12 -19.04 21.76
N THR B 242 6.57 -20.13 21.26
CA THR B 242 7.18 -20.89 20.20
C THR B 242 6.80 -20.18 18.90
N VAL B 243 7.79 -19.85 18.10
CA VAL B 243 7.59 -19.01 16.93
C VAL B 243 7.80 -19.83 15.67
N ARG B 244 6.80 -19.88 14.82
CA ARG B 244 6.97 -20.47 13.49
C ARG B 244 6.71 -19.41 12.42
N SER B 245 7.66 -19.29 11.52
CA SER B 245 7.72 -18.20 10.55
C SER B 245 7.62 -18.72 9.12
N LEU B 246 6.86 -18.00 8.30
CA LEU B 246 6.59 -18.40 6.93
C LEU B 246 6.81 -17.22 6.01
N GLY B 247 7.66 -17.41 5.01
CA GLY B 247 7.88 -16.42 3.97
C GLY B 247 6.91 -16.58 2.82
N LEU B 248 6.25 -15.47 2.46
CA LEU B 248 5.33 -15.44 1.35
C LEU B 248 5.87 -14.43 0.33
N PRO B 249 6.28 -14.92 -0.86
CA PRO B 249 6.76 -13.95 -1.86
C PRO B 249 5.61 -13.12 -2.44
N PRO B 250 5.95 -12.03 -3.16
CA PRO B 250 4.96 -11.11 -3.72
C PRO B 250 3.88 -11.82 -4.52
N GLU B 251 4.26 -12.89 -5.21
CA GLU B 251 3.31 -13.68 -6.00
C GLU B 251 2.14 -14.18 -5.16
N ARG B 252 2.40 -14.43 -3.88
CA ARG B 252 1.34 -14.92 -2.99
C ARG B 252 0.63 -13.77 -2.27
N THR B 253 1.33 -12.66 -2.05
CA THR B 253 0.77 -11.59 -1.22
C THR B 253 0.13 -10.43 -1.98
N GLU B 254 0.43 -10.29 -3.27
CA GLU B 254 -0.14 -9.18 -4.05
C GLU B 254 -1.66 -9.15 -3.98
N VAL B 255 -2.26 -10.32 -3.82
CA VAL B 255 -3.71 -10.43 -3.81
C VAL B 255 -4.29 -9.63 -2.65
N LEU B 256 -3.54 -9.52 -1.56
CA LEU B 256 -4.01 -8.76 -0.42
C LEU B 256 -4.13 -7.29 -0.76
N GLY B 257 -3.19 -6.80 -1.56
CA GLY B 257 -3.23 -5.43 -2.05
C GLY B 257 -4.42 -5.17 -2.95
N ARG B 258 -4.75 -6.15 -3.78
CA ARG B 258 -5.90 -6.01 -4.67
C ARG B 258 -7.20 -6.00 -3.88
N ALA B 259 -7.23 -6.80 -2.83
CA ALA B 259 -8.41 -6.83 -1.98
C ALA B 259 -8.57 -5.49 -1.24
N ALA B 260 -7.46 -4.93 -0.80
CA ALA B 260 -7.47 -3.61 -0.16
C ALA B 260 -7.98 -2.54 -1.13
N GLU B 261 -7.43 -2.52 -2.34
CA GLU B 261 -7.87 -1.55 -3.33
C GLU B 261 -9.37 -1.64 -3.58
N ALA B 262 -9.88 -2.86 -3.73
CA ALA B 262 -11.28 -3.07 -4.11
C ALA B 262 -12.25 -2.76 -2.97
N THR B 263 -11.89 -3.11 -1.74
CA THR B 263 -12.74 -2.81 -0.60
C THR B 263 -12.58 -1.39 -0.10
N GLY B 264 -11.49 -0.73 -0.49
CA GLY B 264 -11.18 0.60 -0.01
C GLY B 264 -10.55 0.62 1.37
N ALA B 265 -10.23 -0.57 1.90
CA ALA B 265 -9.66 -0.68 3.24
C ALA B 265 -8.16 -0.88 3.14
N HIS B 266 -7.42 -0.34 4.10
CA HIS B 266 -5.99 -0.64 4.21
C HIS B 266 -5.78 -2.14 4.35
N TRP B 267 -4.68 -2.66 3.82
CA TRP B 267 -4.51 -4.10 3.71
C TRP B 267 -4.41 -4.77 5.09
N ALA B 268 -3.99 -4.03 6.10
CA ALA B 268 -3.92 -4.59 7.45
C ALA B 268 -5.33 -4.96 7.95
N ARG B 269 -6.33 -4.17 7.55
CA ARG B 269 -7.72 -4.49 7.88
C ARG B 269 -8.21 -5.75 7.15
N VAL B 270 -7.74 -5.95 5.93
CA VAL B 270 -8.08 -7.15 5.18
C VAL B 270 -7.56 -8.37 5.92
N VAL B 271 -6.33 -8.27 6.45
CA VAL B 271 -5.75 -9.36 7.24
C VAL B 271 -6.54 -9.63 8.53
N ILE B 272 -6.90 -8.59 9.26
CA ILE B 272 -7.70 -8.72 10.47
C ILE B 272 -9.05 -9.38 10.13
N ALA B 273 -9.68 -8.94 9.04
CA ALA B 273 -10.93 -9.56 8.59
C ALA B 273 -10.69 -11.02 8.31
N GLY B 274 -9.55 -11.31 7.67
CA GLY B 274 -9.14 -12.67 7.39
C GLY B 274 -9.06 -13.54 8.64
N VAL B 275 -8.45 -13.00 9.68
CA VAL B 275 -8.31 -13.74 10.93
C VAL B 275 -9.70 -13.97 11.56
N ALA B 276 -10.55 -12.93 11.54
CA ALA B 276 -11.88 -13.05 12.11
C ALA B 276 -12.67 -14.12 11.37
N ALA B 277 -12.55 -14.13 10.04
CA ALA B 277 -13.20 -15.14 9.22
C ALA B 277 -12.69 -16.53 9.58
N PHE B 278 -11.38 -16.63 9.77
CA PHE B 278 -10.73 -17.90 10.03
C PHE B 278 -11.18 -18.45 11.35
N LEU B 279 -11.24 -17.58 12.36
CA LEU B 279 -11.72 -17.97 13.68
C LEU B 279 -13.16 -18.42 13.63
N HIS B 280 -13.96 -17.73 12.83
CA HIS B 280 -15.38 -18.03 12.73
C HIS B 280 -15.61 -19.40 12.11
N ARG B 281 -14.84 -19.70 11.07
CA ARG B 281 -14.92 -20.97 10.38
C ARG B 281 -14.33 -22.12 11.20
N THR B 282 -13.30 -21.81 11.98
CA THR B 282 -12.60 -22.84 12.74
C THR B 282 -13.40 -23.25 13.98
N THR B 283 -14.08 -22.29 14.60
CA THR B 283 -14.74 -22.54 15.88
C THR B 283 -16.25 -22.38 15.85
N GLY B 284 -16.79 -21.82 14.78
CA GLY B 284 -18.23 -21.63 14.65
C GLY B 284 -18.77 -20.39 15.35
N ALA B 285 -17.97 -19.74 16.18
CA ALA B 285 -18.42 -18.57 16.92
C ALA B 285 -18.76 -17.41 15.99
N ARG B 286 -19.85 -16.72 16.27
CA ARG B 286 -20.21 -15.53 15.50
C ARG B 286 -19.74 -14.29 16.24
N ASP B 287 -19.56 -14.44 17.55
CA ASP B 287 -19.01 -13.39 18.40
C ASP B 287 -17.51 -13.65 18.53
N VAL B 288 -16.73 -13.09 17.60
CA VAL B 288 -15.29 -13.31 17.55
C VAL B 288 -14.52 -12.15 18.16
N VAL B 289 -13.42 -12.45 18.85
CA VAL B 289 -12.58 -11.41 19.41
C VAL B 289 -11.14 -11.60 18.95
N VAL B 290 -10.55 -10.53 18.45
CA VAL B 290 -9.11 -10.49 18.18
C VAL B 290 -8.54 -9.25 18.85
N SER B 291 -7.30 -9.34 19.31
CA SER B 291 -6.67 -8.20 19.95
C SER B 291 -5.73 -7.51 18.97
N VAL B 292 -5.77 -6.18 19.00
CA VAL B 292 -5.01 -5.35 18.08
C VAL B 292 -4.04 -4.48 18.86
N PRO B 293 -2.75 -4.53 18.51
CA PRO B 293 -1.86 -3.56 19.15
C PRO B 293 -2.00 -2.18 18.51
N VAL B 294 -1.93 -1.14 19.33
CA VAL B 294 -1.76 0.22 18.83
C VAL B 294 -0.51 0.78 19.51
N THR B 295 0.11 1.78 18.91
CA THR B 295 1.42 2.26 19.38
C THR B 295 1.34 3.01 20.71
N GLY B 296 0.18 3.57 21.03
CA GLY B 296 0.03 4.37 22.23
C GLY B 296 0.85 5.66 22.21
N ARG B 297 1.21 6.10 21.02
CA ARG B 297 1.97 7.34 20.83
C ARG B 297 1.10 8.46 20.28
N TYR B 298 0.90 9.51 21.08
CA TYR B 298 0.02 10.62 20.71
C TYR B 298 0.80 11.94 20.72
N GLY B 299 0.95 12.53 19.55
CA GLY B 299 1.66 13.79 19.40
C GLY B 299 3.06 13.59 18.88
N ALA B 300 3.69 14.69 18.49
CA ALA B 300 4.96 14.66 17.78
C ALA B 300 6.07 14.08 18.65
N ASN B 301 6.15 14.55 19.88
CA ASN B 301 7.20 14.10 20.78
C ASN B 301 7.14 12.59 21.01
N ALA B 302 5.95 12.07 21.28
CA ALA B 302 5.77 10.65 21.56
C ALA B 302 6.15 9.79 20.37
N ARG B 303 5.86 10.26 19.16
CA ARG B 303 6.12 9.46 17.98
C ARG B 303 7.62 9.25 17.77
N ILE B 304 8.44 10.13 18.33
CA ILE B 304 9.89 10.01 18.17
C ILE B 304 10.67 9.66 19.45
N THR B 305 9.98 9.11 20.45
CA THR B 305 10.65 8.76 21.70
C THR B 305 10.79 7.24 21.81
N PRO B 306 12.02 6.70 21.63
CA PRO B 306 12.18 5.28 21.88
C PRO B 306 11.75 4.93 23.29
N GLY B 307 11.04 3.81 23.43
CA GLY B 307 10.53 3.42 24.72
C GLY B 307 9.50 2.32 24.57
N MET B 308 8.65 2.19 25.59
CA MET B 308 7.64 1.15 25.62
C MET B 308 6.31 1.75 26.05
N VAL B 309 5.43 1.98 25.08
CA VAL B 309 4.15 2.63 25.33
C VAL B 309 3.01 1.94 24.63
N SER B 310 3.30 0.84 23.93
CA SER B 310 2.26 0.16 23.17
C SER B 310 1.12 -0.37 24.05
N ASN B 311 -0.03 -0.50 23.40
CA ASN B 311 -1.27 -0.85 24.05
C ASN B 311 -1.88 -1.96 23.22
N ARG B 312 -2.61 -2.85 23.86
CA ARG B 312 -3.33 -3.89 23.13
C ARG B 312 -4.82 -3.79 23.45
N LEU B 313 -5.67 -3.80 22.43
CA LEU B 313 -7.09 -3.61 22.66
C LEU B 313 -7.95 -4.65 21.94
N PRO B 314 -9.02 -5.09 22.60
CA PRO B 314 -9.83 -6.15 22.00
C PRO B 314 -10.71 -5.62 20.90
N LEU B 315 -10.84 -6.40 19.85
CA LEU B 315 -11.69 -6.08 18.72
C LEU B 315 -12.79 -7.13 18.65
N ARG B 316 -14.00 -6.72 19.03
CA ARG B 316 -15.16 -7.61 19.03
C ARG B 316 -15.91 -7.53 17.70
N LEU B 317 -15.98 -8.65 16.99
CA LEU B 317 -16.47 -8.70 15.61
C LEU B 317 -17.62 -9.69 15.44
N ALA B 318 -18.77 -9.18 15.01
CA ALA B 318 -19.90 -10.01 14.66
C ALA B 318 -19.72 -10.59 13.26
N VAL B 319 -19.56 -11.90 13.18
CA VAL B 319 -19.46 -12.58 11.89
C VAL B 319 -20.69 -13.48 11.69
N ARG B 320 -21.66 -12.97 10.94
CA ARG B 320 -22.94 -13.65 10.74
C ARG B 320 -22.89 -14.54 9.49
N PRO B 321 -23.74 -15.59 9.45
CA PRO B 321 -23.72 -16.49 8.30
C PRO B 321 -24.22 -15.81 7.04
N GLY B 322 -23.68 -16.19 5.89
CA GLY B 322 -24.10 -15.63 4.63
C GLY B 322 -23.38 -14.35 4.22
N GLU B 323 -22.56 -13.81 5.11
CA GLU B 323 -21.85 -12.55 4.83
C GLU B 323 -20.72 -12.77 3.83
N SER B 324 -20.51 -11.80 2.95
CA SER B 324 -19.31 -11.80 2.10
C SER B 324 -18.10 -11.43 2.94
N PHE B 325 -16.91 -11.66 2.38
CA PHE B 325 -15.67 -11.25 3.02
C PHE B 325 -15.60 -9.72 3.06
N ALA B 326 -16.13 -9.06 2.02
CA ALA B 326 -16.16 -7.62 2.01
C ALA B 326 -17.01 -7.07 3.15
N ARG B 327 -18.06 -7.79 3.53
CA ARG B 327 -18.89 -7.37 4.65
C ARG B 327 -18.10 -7.51 5.96
N VAL B 328 -17.27 -8.53 6.06
CA VAL B 328 -16.45 -8.74 7.25
C VAL B 328 -15.43 -7.59 7.35
N VAL B 329 -14.87 -7.17 6.23
CA VAL B 329 -13.95 -6.05 6.23
C VAL B 329 -14.65 -4.81 6.77
N GLU B 330 -15.89 -4.56 6.35
CA GLU B 330 -16.69 -3.46 6.89
C GLU B 330 -16.95 -3.58 8.40
N THR B 331 -17.24 -4.78 8.87
CA THR B 331 -17.40 -5.00 10.31
C THR B 331 -16.11 -4.63 11.04
N VAL B 332 -14.97 -5.06 10.49
CA VAL B 332 -13.67 -4.72 11.07
C VAL B 332 -13.52 -3.21 11.10
N SER B 333 -13.82 -2.57 9.97
CA SER B 333 -13.72 -1.13 9.87
C SER B 333 -14.59 -0.42 10.92
N GLU B 334 -15.81 -0.88 11.08
CA GLU B 334 -16.74 -0.28 12.03
C GLU B 334 -16.20 -0.39 13.45
N ALA B 335 -15.73 -1.59 13.80
CA ALA B 335 -15.17 -1.86 15.11
C ALA B 335 -13.86 -1.11 15.36
N MET B 336 -13.01 -1.02 14.34
CA MET B 336 -11.74 -0.30 14.49
C MET B 336 -11.95 1.18 14.72
N SER B 337 -12.92 1.76 14.03
CA SER B 337 -13.26 3.15 14.25
C SER B 337 -13.55 3.45 15.73
N GLY B 338 -14.30 2.58 16.39
CA GLY B 338 -14.55 2.75 17.81
C GLY B 338 -13.31 2.55 18.66
N LEU B 339 -12.51 1.56 18.29
CA LEU B 339 -11.30 1.26 19.02
C LEU B 339 -10.32 2.42 18.96
N LEU B 340 -10.11 2.97 17.77
CA LEU B 340 -9.17 4.08 17.61
C LEU B 340 -9.64 5.35 18.35
N ALA B 341 -10.94 5.57 18.32
CA ALA B 341 -11.51 6.77 18.94
C ALA B 341 -11.36 6.73 20.46
N HIS B 342 -11.20 5.53 21.01
CA HIS B 342 -11.02 5.34 22.44
C HIS B 342 -9.72 4.58 22.73
N SER B 343 -8.71 4.80 21.89
CA SER B 343 -7.49 4.02 21.93
C SER B 343 -6.61 4.27 23.15
N ARG B 344 -6.79 5.39 23.84
CA ARG B 344 -5.87 5.75 24.92
C ARG B 344 -6.11 4.89 26.17
N PHE B 345 -7.28 4.25 26.25
CA PHE B 345 -7.58 3.40 27.39
C PHE B 345 -6.73 2.14 27.32
N ARG B 346 -6.10 1.80 28.44
CA ARG B 346 -5.19 0.67 28.52
C ARG B 346 -5.93 -0.65 28.56
N GLY B 347 -5.54 -1.56 27.69
CA GLY B 347 -6.06 -2.92 27.71
C GLY B 347 -6.01 -3.56 29.10
N GLU B 348 -4.91 -3.37 29.82
CA GLU B 348 -4.75 -4.02 31.13
C GLU B 348 -5.71 -3.41 32.15
N ASP B 349 -5.99 -2.12 32.02
CA ASP B 349 -6.98 -1.49 32.89
C ASP B 349 -8.39 -2.02 32.58
N LEU B 350 -8.66 -2.32 31.31
CA LEU B 350 -9.95 -2.90 30.93
C LEU B 350 -10.10 -4.27 31.57
N ASP B 351 -9.04 -5.05 31.55
CA ASP B 351 -9.04 -6.37 32.19
C ASP B 351 -9.22 -6.25 33.70
N ARG B 352 -8.52 -5.31 34.32
CA ARG B 352 -8.60 -5.12 35.77
C ARG B 352 -10.04 -4.81 36.18
N GLU B 353 -10.70 -3.94 35.42
CA GLU B 353 -12.09 -3.56 35.64
C GLU B 353 -13.06 -4.73 35.53
N LEU B 354 -12.92 -5.49 34.44
CA LEU B 354 -13.85 -6.57 34.15
C LEU B 354 -13.59 -7.75 35.07
N GLY B 355 -12.36 -7.88 35.55
CA GLY B 355 -11.99 -9.01 36.39
C GLY B 355 -11.80 -10.26 35.55
N GLY B 356 -11.89 -11.43 36.18
CA GLY B 356 -11.72 -12.68 35.46
C GLY B 356 -10.42 -12.72 34.67
N ALA B 357 -10.39 -13.46 33.58
CA ALA B 357 -9.27 -13.36 32.66
C ALA B 357 -9.54 -12.26 31.64
N VAL B 359 -10.39 -9.82 28.78
CA VAL B 359 -10.87 -10.10 27.42
C VAL B 359 -9.73 -10.02 26.40
N SER B 360 -9.60 -11.07 25.60
CA SER B 360 -8.61 -11.09 24.53
C SER B 360 -8.91 -12.22 23.54
N GLY B 361 -8.25 -12.16 22.39
CA GLY B 361 -8.24 -13.25 21.44
C GLY B 361 -6.84 -13.30 20.91
N PRO B 362 -6.64 -13.96 19.75
CA PRO B 362 -5.32 -13.87 19.11
C PRO B 362 -4.92 -12.41 18.91
N THR B 363 -3.67 -12.07 19.15
CA THR B 363 -3.17 -10.75 18.77
C THR B 363 -2.86 -10.80 17.29
N VAL B 364 -3.40 -9.84 16.55
CA VAL B 364 -3.06 -9.68 15.14
C VAL B 364 -2.25 -8.39 15.00
N ASN B 365 -0.97 -8.57 14.72
CA ASN B 365 0.02 -7.50 14.67
C ASN B 365 0.57 -7.35 13.26
N VAL B 366 -0.08 -6.51 12.45
CA VAL B 366 0.40 -6.21 11.11
C VAL B 366 1.35 -5.03 11.24
N MET B 367 2.64 -5.26 11.14
CA MET B 367 3.58 -4.19 11.45
C MET B 367 3.55 -3.17 10.32
N PRO B 368 3.69 -1.88 10.66
CA PRO B 368 3.65 -0.81 9.67
C PRO B 368 4.87 -0.86 8.74
N TYR B 369 4.84 -0.18 7.62
CA TYR B 369 5.97 -0.20 6.70
C TYR B 369 7.21 0.38 7.35
N ILE B 370 8.33 -0.31 7.19
CA ILE B 370 9.61 0.29 7.56
C ILE B 370 10.50 0.27 6.31
N ARG B 371 11.00 1.43 5.92
CA ARG B 371 11.93 1.49 4.80
C ARG B 371 13.14 0.62 5.11
N PRO B 372 13.67 -0.10 4.10
CA PRO B 372 14.95 -0.78 4.28
C PRO B 372 16.03 0.16 4.88
N VAL B 373 16.85 -0.38 5.77
CA VAL B 373 17.87 0.41 6.47
C VAL B 373 19.15 0.48 5.64
N ASP B 374 19.63 1.69 5.41
CA ASP B 374 20.79 1.92 4.56
C ASP B 374 22.06 2.21 5.36
N PHE B 375 23.01 1.32 5.26
CA PHE B 375 24.29 1.44 5.94
C PHE B 375 25.36 2.06 5.07
N GLY B 376 24.95 2.64 3.93
CA GLY B 376 25.86 3.25 2.98
C GLY B 376 26.30 2.27 1.90
N GLY B 377 25.32 1.62 1.29
CA GLY B 377 25.58 0.52 0.39
C GLY B 377 24.77 -0.67 0.86
N PRO B 378 25.26 -1.39 1.88
CA PRO B 378 24.49 -2.53 2.38
C PRO B 378 23.13 -2.08 2.90
N VAL B 379 22.13 -2.94 2.75
CA VAL B 379 20.75 -2.64 3.06
C VAL B 379 20.22 -3.68 4.05
N GLY B 380 19.57 -3.23 5.11
CA GLY B 380 19.04 -4.13 6.13
C GLY B 380 17.52 -4.24 6.07
N LEU B 381 17.04 -5.48 6.04
CA LEU B 381 15.62 -5.75 6.09
C LEU B 381 15.25 -6.36 7.43
N MET B 382 14.25 -5.77 8.08
CA MET B 382 13.86 -6.13 9.45
C MET B 382 12.97 -7.36 9.48
N ARG B 383 13.25 -8.26 10.42
CA ARG B 383 12.32 -9.36 10.65
C ARG B 383 12.20 -9.64 12.15
N SER B 384 10.99 -9.98 12.53
CA SER B 384 10.67 -10.23 13.92
C SER B 384 11.24 -11.57 14.34
N ILE B 385 11.76 -11.62 15.57
CA ILE B 385 12.23 -12.87 16.16
C ILE B 385 11.23 -13.36 17.21
N SER B 386 10.77 -12.43 18.03
CA SER B 386 9.72 -12.70 19.01
C SER B 386 9.19 -11.38 19.46
N SER B 387 7.87 -11.19 19.34
CA SER B 387 7.27 -9.89 19.58
C SER B 387 6.81 -9.67 21.02
N GLY B 388 6.66 -10.75 21.78
CA GLY B 388 6.26 -10.66 23.17
C GLY B 388 5.64 -11.96 23.64
N PRO B 389 5.41 -12.08 24.96
CA PRO B 389 4.80 -13.30 25.50
C PRO B 389 3.30 -13.37 25.24
N THR B 390 2.77 -14.58 25.26
CA THR B 390 1.36 -14.79 24.95
C THR B 390 0.73 -15.89 25.79
N THR B 391 -0.53 -15.67 26.15
CA THR B 391 -1.39 -16.68 26.76
C THR B 391 -1.91 -17.68 25.74
N ASP B 392 -1.81 -17.32 24.47
CA ASP B 392 -2.40 -18.14 23.42
C ASP B 392 -1.66 -18.01 22.10
N LEU B 393 -1.99 -16.98 21.34
CA LEU B 393 -1.48 -16.84 19.98
C LEU B 393 -1.29 -15.39 19.57
N ASN B 394 -0.09 -15.04 19.09
CA ASN B 394 0.16 -13.79 18.36
C ASN B 394 0.34 -14.12 16.90
N ILE B 395 -0.29 -13.33 16.04
CA ILE B 395 -0.02 -13.41 14.61
C ILE B 395 0.68 -12.11 14.19
N VAL B 396 1.90 -12.26 13.68
CA VAL B 396 2.73 -11.12 13.34
C VAL B 396 3.07 -11.16 11.86
N LEU B 397 2.78 -10.07 11.17
CA LEU B 397 3.16 -9.92 9.77
C LEU B 397 4.18 -8.81 9.61
N THR B 398 5.22 -9.06 8.83
CA THR B 398 6.11 -7.97 8.40
C THR B 398 6.20 -7.99 6.88
N GLY B 399 6.33 -6.80 6.29
CA GLY B 399 6.36 -6.65 4.84
C GLY B 399 5.14 -5.93 4.33
N THR B 400 4.93 -6.03 3.01
CA THR B 400 3.79 -5.40 2.36
C THR B 400 3.27 -6.33 1.27
N PRO B 401 2.03 -6.11 0.83
CA PRO B 401 1.56 -7.05 -0.20
C PRO B 401 2.43 -7.01 -1.45
N GLU B 402 2.97 -5.83 -1.76
CA GLU B 402 3.83 -5.69 -2.94
C GLU B 402 5.22 -6.27 -2.80
N SER B 403 5.79 -6.26 -1.60
CA SER B 403 7.17 -6.66 -1.40
C SER B 403 7.29 -8.10 -0.88
N GLY B 404 6.19 -8.69 -0.45
CA GLY B 404 6.19 -9.99 0.19
C GLY B 404 6.06 -9.88 1.71
N LEU B 405 5.59 -10.96 2.34
CA LEU B 405 5.35 -10.96 3.78
C LEU B 405 6.11 -12.05 4.49
N ARG B 406 6.42 -11.79 5.76
CA ARG B 406 6.80 -12.81 6.71
C ARG B 406 5.66 -12.93 7.70
N VAL B 407 5.17 -14.16 7.88
CA VAL B 407 4.05 -14.40 8.79
C VAL B 407 4.61 -15.25 9.91
N ASP B 408 4.47 -14.75 11.13
CA ASP B 408 4.95 -15.43 12.32
C ASP B 408 3.74 -15.82 13.17
N PHE B 409 3.59 -17.11 13.44
CA PHE B 409 2.60 -17.57 14.40
C PHE B 409 3.38 -17.83 15.68
N GLU B 410 3.07 -17.06 16.72
CA GLU B 410 3.77 -17.13 17.99
C GLU B 410 2.82 -17.73 19.01
N GLY B 411 3.09 -18.97 19.41
CA GLY B 411 2.17 -19.72 20.24
C GLY B 411 2.70 -20.02 21.62
N ASN B 412 1.82 -19.87 22.60
CA ASN B 412 2.07 -20.36 23.94
C ASN B 412 2.44 -21.84 23.85
N PRO B 413 3.61 -22.24 24.38
CA PRO B 413 4.07 -23.62 24.22
C PRO B 413 3.27 -24.65 25.03
N GLN B 414 2.46 -24.21 25.98
CA GLN B 414 1.60 -25.12 26.72
C GLN B 414 0.34 -25.39 25.90
N VAL B 415 0.05 -24.48 24.97
CA VAL B 415 -1.13 -24.59 24.11
C VAL B 415 -0.81 -25.19 22.74
N TYR B 416 0.36 -24.88 22.18
CA TYR B 416 0.74 -25.36 20.85
C TYR B 416 2.13 -25.96 20.85
N GLY B 417 2.30 -27.00 20.03
CA GLY B 417 3.61 -27.43 19.59
C GLY B 417 3.97 -26.69 18.31
N GLY B 418 5.25 -26.73 17.95
CA GLY B 418 5.71 -26.12 16.72
C GLY B 418 4.95 -26.64 15.51
N GLN B 419 4.61 -27.93 15.52
CA GLN B 419 3.93 -28.53 14.37
C GLN B 419 2.49 -28.06 14.26
N ASP B 420 1.82 -27.90 15.40
CA ASP B 420 0.47 -27.35 15.43
C ASP B 420 0.43 -25.97 14.76
N LEU B 421 1.44 -25.15 15.05
CA LEU B 421 1.48 -23.79 14.55
C LEU B 421 1.69 -23.75 13.05
N THR B 422 2.59 -24.60 12.56
CA THR B 422 2.87 -24.67 11.13
C THR B 422 1.57 -25.00 10.40
N VAL B 423 0.85 -26.00 10.88
CA VAL B 423 -0.38 -26.46 10.24
C VAL B 423 -1.45 -25.37 10.28
N LEU B 424 -1.63 -24.77 11.46
CA LEU B 424 -2.58 -23.69 11.63
C LEU B 424 -2.26 -22.53 10.67
N GLN B 425 -1.01 -22.12 10.67
CA GLN B 425 -0.50 -21.06 9.83
C GLN B 425 -0.76 -21.32 8.35
N GLU B 426 -0.40 -22.50 7.89
CA GLU B 426 -0.57 -22.85 6.48
C GLU B 426 -2.05 -22.78 6.10
N ARG B 427 -2.92 -23.28 6.97
CA ARG B 427 -4.34 -23.29 6.67
C ARG B 427 -4.88 -21.85 6.64
N PHE B 428 -4.44 -21.04 7.60
CA PHE B 428 -4.86 -19.63 7.64
C PHE B 428 -4.45 -18.86 6.39
N VAL B 429 -3.19 -19.02 5.98
CA VAL B 429 -2.68 -18.28 4.83
C VAL B 429 -3.46 -18.66 3.57
N ARG B 430 -3.70 -19.94 3.37
CA ARG B 430 -4.40 -20.37 2.17
C ARG B 430 -5.84 -19.84 2.20
N PHE B 431 -6.45 -19.81 3.38
CA PHE B 431 -7.79 -19.27 3.56
C PHE B 431 -7.84 -17.76 3.29
N LEU B 432 -6.91 -17.01 3.87
CA LEU B 432 -6.82 -15.57 3.65
C LEU B 432 -6.67 -15.23 2.17
N ALA B 433 -5.77 -15.95 1.50
CA ALA B 433 -5.48 -15.69 0.11
C ALA B 433 -6.73 -15.88 -0.76
N GLU B 434 -7.53 -16.90 -0.45
CA GLU B 434 -8.69 -17.17 -1.29
C GLU B 434 -9.83 -16.21 -0.97
N LEU B 435 -9.97 -15.82 0.29
CA LEU B 435 -10.87 -14.73 0.66
C LEU B 435 -10.55 -13.45 -0.09
N ALA B 436 -9.29 -13.05 0.00
CA ALA B 436 -8.79 -11.82 -0.65
C ALA B 436 -8.98 -11.87 -2.17
N ALA B 437 -8.88 -13.06 -2.75
CA ALA B 437 -8.97 -13.19 -4.20
C ALA B 437 -10.37 -12.88 -4.73
N ASP B 438 -11.37 -12.85 -3.85
CA ASP B 438 -12.73 -12.51 -4.24
C ASP B 438 -13.57 -12.08 -3.05
N PRO B 439 -13.46 -10.81 -2.65
CA PRO B 439 -14.17 -10.29 -1.48
C PRO B 439 -15.69 -10.37 -1.59
N ALA B 440 -16.24 -10.55 -2.78
CA ALA B 440 -17.69 -10.66 -2.95
C ALA B 440 -18.23 -12.02 -2.48
N ALA B 441 -17.38 -13.04 -2.52
CA ALA B 441 -17.76 -14.40 -2.14
C ALA B 441 -18.20 -14.52 -0.69
N THR B 442 -19.18 -15.37 -0.46
CA THR B 442 -19.68 -15.65 0.88
C THR B 442 -18.61 -16.44 1.65
N VAL B 443 -18.27 -16.00 2.85
CA VAL B 443 -17.23 -16.64 3.65
C VAL B 443 -17.57 -18.10 3.90
N ASP B 444 -18.84 -18.38 4.19
CA ASP B 444 -19.28 -19.73 4.52
C ASP B 444 -19.17 -20.69 3.35
N GLU B 445 -19.09 -20.16 2.12
CA GLU B 445 -19.01 -21.02 0.93
C GLU B 445 -17.57 -21.25 0.48
N VAL B 446 -16.63 -20.53 1.07
CA VAL B 446 -15.23 -20.69 0.71
C VAL B 446 -14.69 -22.02 1.21
N ALA B 447 -14.27 -22.86 0.27
CA ALA B 447 -13.80 -24.21 0.61
C ALA B 447 -12.52 -24.16 1.44
N LEU B 448 -12.57 -24.76 2.62
CA LEU B 448 -11.41 -24.91 3.48
C LEU B 448 -11.37 -26.31 4.08
N LEU B 449 -10.74 -27.23 3.38
CA LEU B 449 -10.61 -28.61 3.84
C LEU B 449 -9.53 -28.73 4.93
#